data_9FBI
#
_entry.id   9FBI
#
_cell.length_a   46.452
_cell.length_b   71.068
_cell.length_c   102.878
_cell.angle_alpha   90.000
_cell.angle_beta   91.967
_cell.angle_gamma   90.000
#
_symmetry.space_group_name_H-M   'P 1 21 1'
#
loop_
_entity.id
_entity.type
_entity.pdbx_description
1 polymer "Casein kinase II subunit alpha'"
2 polymer 'Cyclic peptidomimetic compound FMP37'
3 non-polymer 'NICOTINIC ACID'
4 non-polymer 1,2-ETHANEDIOL
5 non-polymer 'CHLORIDE ION'
6 non-polymer 'SODIUM ION'
7 water water
#
loop_
_entity_poly.entity_id
_entity_poly.type
_entity_poly.pdbx_seq_one_letter_code
_entity_poly.pdbx_strand_id
1 'polypeptide(L)'
;MGSSHHHHHHSQDPMPGPAAGSRARVYAEVNSLRSREYWDYEAHVPSWGNQDDYQLVRKLGRGKYSEVFEAINITNNERV
VVKILKPVKKKKIKREVKILENLRGGTNIIKLIDTVKDPVSKTPALVFEYINNTDFKQLYQILTDFDIRFYMYELLKALD
YCHSKGIMHRDVKPHNVMIDHQQKKLRLIDWGLAEFYHPAQEYNVRVASRYFKGPELLVDYQMYDYSLDMWSLGCMLASM
IFRREPFFHGQDNYDQLVRIAKVLGTEELYGYLKKYHIDLDPHFNDILGQHSRKRWENFIHSENRHLVSPEALDLLDKLL
RYDHQQRLTAKEAMEHPYFYPVVKEQSQPSADNAVLSSGLTAAR
;
A,B
2 'polypeptide(L)' A(SFE)MV(A1ICB) E
#
loop_
_chem_comp.id
_chem_comp.type
_chem_comp.name
_chem_comp.formula
CL non-polymer 'CHLORIDE ION' 'Cl -1'
EDO non-polymer 1,2-ETHANEDIOL 'C2 H6 O2'
NA non-polymer 'SODIUM ION' 'Na 1'
NIO non-polymer 'NICOTINIC ACID' 'C6 H5 N O2'
#
# COMPACT_ATOMS: atom_id res chain seq x y z
N GLY A 21 -13.94 -19.13 1.16
CA GLY A 21 -14.44 -18.41 2.32
C GLY A 21 -13.65 -17.12 2.72
N SER A 22 -14.29 -16.30 3.57
CA SER A 22 -13.72 -15.04 4.05
C SER A 22 -14.50 -14.60 5.28
N ARG A 23 -13.83 -13.92 6.22
CA ARG A 23 -14.49 -13.39 7.43
C ARG A 23 -13.96 -11.97 7.72
N ALA A 24 -14.79 -11.13 8.33
CA ALA A 24 -14.33 -9.82 8.77
C ALA A 24 -13.20 -9.97 9.78
N ARG A 25 -12.18 -9.10 9.68
CA ARG A 25 -11.04 -9.13 10.60
C ARG A 25 -11.38 -8.55 11.95
N VAL A 26 -12.43 -7.75 12.03
CA VAL A 26 -12.85 -7.12 13.28
C VAL A 26 -14.38 -7.18 13.35
N TYR A 27 -14.91 -7.13 14.57
CA TYR A 27 -16.35 -7.06 14.81
C TYR A 27 -17.09 -8.24 14.20
N ALA A 28 -16.39 -9.36 14.00
CA ALA A 28 -16.99 -10.48 13.27
C ALA A 28 -18.19 -11.08 14.00
N GLU A 29 -18.11 -11.18 15.30
CA GLU A 29 -19.10 -11.88 16.11
C GLU A 29 -20.09 -10.96 16.79
N VAL A 30 -20.16 -9.69 16.41
CA VAL A 30 -21.02 -8.76 17.14
C VAL A 30 -22.48 -9.22 17.15
N ASN A 31 -23.00 -9.57 16.00
CA ASN A 31 -24.39 -9.98 15.92
C ASN A 31 -24.60 -11.34 16.59
N SER A 32 -23.67 -12.29 16.44
CA SER A 32 -23.79 -13.57 17.14
C SER A 32 -23.86 -13.39 18.65
N LEU A 33 -23.27 -12.33 19.19
CA LEU A 33 -23.24 -12.10 20.62
C LEU A 33 -24.33 -11.15 21.10
N ARG A 34 -25.26 -10.83 20.25
CA ARG A 34 -26.43 -10.09 20.66
C ARG A 34 -27.64 -11.01 20.67
N SER A 35 -28.74 -10.44 21.08
CA SER A 35 -29.97 -11.22 21.05
C SER A 35 -30.44 -11.37 19.60
N ARG A 36 -31.18 -12.47 19.36
CA ARG A 36 -31.86 -12.66 18.08
C ARG A 36 -32.64 -11.40 17.70
N GLU A 37 -33.26 -10.76 18.69
CA GLU A 37 -34.08 -9.59 18.40
C GLU A 37 -33.27 -8.46 17.73
N TYR A 38 -31.99 -8.37 18.07
CA TYR A 38 -31.15 -7.29 17.56
C TYR A 38 -31.07 -7.28 16.03
N TRP A 39 -30.79 -8.44 15.43
CA TRP A 39 -30.52 -8.53 14.03
C TRP A 39 -31.66 -9.15 13.24
N ASP A 40 -32.65 -9.75 13.93
CA ASP A 40 -33.77 -10.41 13.25
C ASP A 40 -34.81 -9.36 12.88
N TYR A 41 -34.47 -8.56 11.89
CA TYR A 41 -35.30 -7.39 11.57
C TYR A 41 -36.64 -7.80 10.95
N GLU A 42 -36.76 -8.97 10.34
CA GLU A 42 -38.07 -9.35 9.82
C GLU A 42 -39.09 -9.47 10.93
N ALA A 43 -38.63 -9.67 12.17
CA ALA A 43 -39.52 -9.80 13.30
C ALA A 43 -39.74 -8.48 14.00
N HIS A 44 -39.12 -7.42 13.50
CA HIS A 44 -39.26 -6.15 14.16
C HIS A 44 -40.66 -5.59 13.92
N VAL A 45 -41.26 -5.06 14.99
CA VAL A 45 -42.57 -4.42 14.93
C VAL A 45 -42.36 -2.93 15.10
N PRO A 46 -42.29 -2.13 14.04
CA PRO A 46 -42.14 -0.69 14.23
C PRO A 46 -43.25 -0.13 15.11
N SER A 47 -42.92 0.97 15.77
CA SER A 47 -43.82 1.67 16.67
C SER A 47 -44.12 3.02 16.01
N TRP A 48 -45.36 3.19 15.57
CA TRP A 48 -45.74 4.32 14.75
C TRP A 48 -46.13 5.51 15.61
N GLY A 49 -45.51 6.65 15.33
CA GLY A 49 -45.90 7.89 15.93
C GLY A 49 -47.13 8.51 15.27
N ASN A 50 -47.34 9.78 15.59
CA ASN A 50 -48.46 10.56 15.09
C ASN A 50 -48.00 11.30 13.83
N GLN A 51 -48.46 10.86 12.65
CA GLN A 51 -48.09 11.54 11.40
C GLN A 51 -48.45 13.02 11.43
N ASP A 52 -49.47 13.36 12.23
CA ASP A 52 -50.01 14.71 12.28
C ASP A 52 -49.11 15.68 13.04
N ASP A 53 -48.05 15.21 13.68
CA ASP A 53 -47.06 16.11 14.27
C ASP A 53 -46.19 16.80 13.21
N TYR A 54 -46.29 16.40 11.94
CA TYR A 54 -45.36 16.86 10.90
C TYR A 54 -46.13 17.42 9.72
N GLN A 55 -45.63 18.52 9.18
CA GLN A 55 -46.29 19.20 8.08
C GLN A 55 -45.27 19.42 6.96
N LEU A 56 -45.50 18.84 5.80
CA LEU A 56 -44.50 18.91 4.75
C LEU A 56 -44.39 20.34 4.22
N VAL A 57 -43.16 20.77 3.88
CA VAL A 57 -42.86 22.11 3.40
C VAL A 57 -42.31 22.14 1.98
N ARG A 58 -41.32 21.30 1.67
CA ARG A 58 -40.79 21.28 0.31
C ARG A 58 -40.17 19.93 0.02
N LYS A 59 -40.24 19.52 -1.25
CA LYS A 59 -39.62 18.29 -1.68
C LYS A 59 -38.13 18.55 -1.93
N LEU A 60 -37.29 17.63 -1.44
CA LEU A 60 -35.85 17.70 -1.60
C LEU A 60 -35.38 16.86 -2.80
N GLY A 61 -34.33 17.34 -3.47
CA GLY A 61 -33.75 16.56 -4.56
C GLY A 61 -32.83 15.43 -4.10
N ARG A 62 -33.38 14.22 -3.88
CA ARG A 62 -32.59 13.11 -3.35
C ARG A 62 -32.41 11.97 -4.34
N GLY A 63 -33.00 12.01 -5.52
CA GLY A 63 -32.88 10.91 -6.46
C GLY A 63 -34.17 10.49 -7.15
N LYS A 64 -34.03 9.63 -8.19
CA LYS A 64 -35.11 9.40 -9.16
C LYS A 64 -36.33 8.70 -8.55
N TYR A 65 -36.16 7.95 -7.45
CA TYR A 65 -37.25 7.22 -6.81
C TYR A 65 -37.54 7.72 -5.42
N SER A 66 -36.79 8.71 -4.93
CA SER A 66 -36.95 9.14 -3.56
C SER A 66 -38.18 10.03 -3.38
N GLU A 67 -38.77 10.00 -2.19
CA GLU A 67 -39.78 10.98 -1.83
C GLU A 67 -39.38 11.53 -0.48
N VAL A 68 -38.55 12.59 -0.48
CA VAL A 68 -37.97 13.17 0.72
C VAL A 68 -38.31 14.65 0.78
N PHE A 69 -38.72 15.11 1.94
CA PHE A 69 -39.24 16.45 2.11
C PHE A 69 -38.63 17.10 3.34
N GLU A 70 -38.51 18.43 3.29
CA GLU A 70 -38.34 19.16 4.53
C GLU A 70 -39.72 19.35 5.09
N ALA A 71 -39.82 19.28 6.41
CA ALA A 71 -41.11 19.39 7.08
C ALA A 71 -40.93 20.16 8.37
N ILE A 72 -42.04 20.57 8.96
CA ILE A 72 -42.05 21.19 10.26
C ILE A 72 -42.58 20.18 11.24
N ASN A 73 -41.90 20.07 12.38
CA ASN A 73 -42.42 19.37 13.54
C ASN A 73 -43.25 20.39 14.28
N ILE A 74 -44.58 20.24 14.20
CA ILE A 74 -45.42 21.31 14.72
C ILE A 74 -45.40 21.34 16.23
N THR A 75 -44.87 20.31 16.88
CA THR A 75 -44.94 20.26 18.34
C THR A 75 -43.85 21.10 19.00
N ASN A 76 -42.68 21.20 18.38
CA ASN A 76 -41.57 21.99 18.93
C ASN A 76 -41.08 23.04 17.94
N ASN A 77 -41.77 23.19 16.80
CA ASN A 77 -41.44 24.14 15.75
C ASN A 77 -40.11 23.82 15.08
N GLU A 78 -39.66 22.59 15.20
CA GLU A 78 -38.37 22.15 14.68
C GLU A 78 -38.49 21.79 13.18
N ARG A 79 -37.47 22.14 12.39
CA ARG A 79 -37.36 21.64 11.02
C ARG A 79 -36.84 20.21 11.05
N VAL A 80 -37.44 19.33 10.26
CA VAL A 80 -37.09 17.92 10.16
C VAL A 80 -37.11 17.53 8.70
N VAL A 81 -36.61 16.32 8.42
CA VAL A 81 -36.69 15.72 7.11
C VAL A 81 -37.60 14.50 7.19
N VAL A 82 -38.50 14.37 6.23
CA VAL A 82 -39.39 13.24 6.13
C VAL A 82 -39.05 12.48 4.86
N LYS A 83 -38.84 11.17 5.01
CA LYS A 83 -38.55 10.25 3.90
C LYS A 83 -39.71 9.29 3.82
N ILE A 84 -40.47 9.37 2.74
CA ILE A 84 -41.59 8.47 2.53
C ILE A 84 -41.10 7.21 1.85
N LEU A 85 -41.36 6.06 2.47
CA LEU A 85 -40.80 4.80 2.00
C LEU A 85 -41.86 4.15 1.12
N LYS A 86 -41.74 4.35 -0.18
CA LYS A 86 -42.76 3.83 -1.08
C LYS A 86 -42.22 2.69 -1.95
N PRO A 87 -41.12 2.90 -2.67
CA PRO A 87 -40.65 1.87 -3.64
C PRO A 87 -40.27 0.54 -3.02
N VAL A 88 -40.20 0.45 -1.71
CA VAL A 88 -39.53 -0.65 -1.03
C VAL A 88 -40.52 -1.76 -0.65
N LYS A 89 -40.03 -2.99 -0.61
CA LYS A 89 -40.78 -4.13 -0.04
C LYS A 89 -40.68 -4.12 1.49
N LYS A 90 -41.73 -4.61 2.16
CA LYS A 90 -41.90 -4.35 3.60
C LYS A 90 -40.70 -4.84 4.41
N LYS A 91 -40.06 -5.93 4.00
CA LYS A 91 -38.95 -6.42 4.79
C LYS A 91 -37.83 -5.38 4.85
N LYS A 92 -37.67 -4.59 3.79
CA LYS A 92 -36.59 -3.61 3.79
C LYS A 92 -36.96 -2.38 4.62
N ILE A 93 -38.23 -2.09 4.80
CA ILE A 93 -38.64 -1.04 5.74
C ILE A 93 -38.23 -1.41 7.15
N LYS A 94 -38.56 -2.63 7.57
CA LYS A 94 -38.16 -3.11 8.88
C LYS A 94 -36.63 -3.09 9.03
N ARG A 95 -35.90 -3.52 8.00
CA ARG A 95 -34.45 -3.52 8.06
C ARG A 95 -33.90 -2.13 8.33
N GLU A 96 -34.35 -1.14 7.57
CA GLU A 96 -33.84 0.20 7.76
C GLU A 96 -34.22 0.76 9.11
N VAL A 97 -35.46 0.57 9.54
CA VAL A 97 -35.89 1.08 10.83
C VAL A 97 -35.10 0.43 11.96
N LYS A 98 -34.96 -0.90 11.92
CA LYS A 98 -34.25 -1.59 12.99
C LYS A 98 -32.78 -1.18 13.09
N ILE A 99 -32.11 -1.04 11.94
CA ILE A 99 -30.72 -0.55 11.86
C ILE A 99 -30.59 0.86 12.44
N LEU A 100 -31.49 1.77 12.04
CA LEU A 100 -31.44 3.12 12.61
C LEU A 100 -31.70 3.11 14.12
N GLU A 101 -32.62 2.27 14.60
CA GLU A 101 -32.83 2.15 16.04
C GLU A 101 -31.61 1.57 16.75
N ASN A 102 -30.92 0.58 16.12
CA ASN A 102 -29.72 -0.01 16.71
C ASN A 102 -28.55 0.98 16.75
N LEU A 103 -28.56 1.97 15.85
CA LEU A 103 -27.48 2.94 15.77
C LEU A 103 -27.83 4.27 16.41
N ARG A 104 -28.98 4.34 17.07
CA ARG A 104 -29.44 5.58 17.68
C ARG A 104 -28.37 6.11 18.62
N GLY A 105 -28.07 7.39 18.49
CA GLY A 105 -27.07 7.99 19.33
C GLY A 105 -25.67 7.88 18.79
N GLY A 106 -25.47 7.18 17.69
CA GLY A 106 -24.13 6.93 17.23
C GLY A 106 -23.49 8.17 16.64
N THR A 107 -22.17 8.17 16.70
CA THR A 107 -21.39 9.34 16.31
C THR A 107 -21.54 9.59 14.82
N ASN A 108 -22.06 10.77 14.45
CA ASN A 108 -22.16 11.19 13.07
C ASN A 108 -23.14 10.36 12.25
N ILE A 109 -24.04 9.62 12.90
CA ILE A 109 -25.08 8.89 12.24
C ILE A 109 -26.34 9.73 12.28
N ILE A 110 -26.98 9.91 11.12
CA ILE A 110 -28.20 10.70 11.08
C ILE A 110 -29.18 10.23 12.14
N LYS A 111 -29.76 11.17 12.88
CA LYS A 111 -30.69 10.83 13.96
C LYS A 111 -32.12 10.62 13.44
N LEU A 112 -32.64 9.41 13.66
CA LEU A 112 -34.04 9.11 13.42
C LEU A 112 -34.87 9.65 14.58
N ILE A 113 -35.84 10.51 14.28
CA ILE A 113 -36.72 11.14 15.28
C ILE A 113 -38.03 10.36 15.43
N ASP A 114 -38.57 9.81 14.35
CA ASP A 114 -39.89 9.23 14.46
C ASP A 114 -40.11 8.34 13.25
N THR A 115 -41.10 7.47 13.37
CA THR A 115 -41.53 6.61 12.29
C THR A 115 -43.03 6.73 12.30
N VAL A 116 -43.61 7.16 11.19
CA VAL A 116 -45.05 7.43 11.11
C VAL A 116 -45.61 6.77 9.85
N LYS A 117 -46.94 6.63 9.81
CA LYS A 117 -47.63 5.98 8.70
C LYS A 117 -48.84 6.81 8.30
N ASP A 118 -49.07 6.99 7.00
CA ASP A 118 -50.34 7.59 6.62
C ASP A 118 -51.49 6.68 7.08
N PRO A 119 -52.48 7.20 7.81
CA PRO A 119 -53.55 6.32 8.29
C PRO A 119 -54.34 5.65 7.19
N VAL A 120 -54.47 6.30 6.04
CA VAL A 120 -55.32 5.79 4.99
C VAL A 120 -54.54 4.91 4.02
N SER A 121 -53.42 5.41 3.51
CA SER A 121 -52.64 4.64 2.53
C SER A 121 -51.71 3.63 3.16
N LYS A 122 -51.41 3.76 4.46
CA LYS A 122 -50.46 2.94 5.19
C LYS A 122 -49.02 3.13 4.73
N THR A 123 -48.71 4.18 3.97
CA THR A 123 -47.33 4.39 3.55
C THR A 123 -46.49 4.84 4.74
N PRO A 124 -45.40 4.15 5.07
CA PRO A 124 -44.58 4.57 6.20
C PRO A 124 -43.69 5.72 5.82
N ALA A 125 -43.24 6.44 6.83
CA ALA A 125 -42.33 7.54 6.63
C ALA A 125 -41.43 7.58 7.84
N LEU A 126 -40.18 7.93 7.58
CA LEU A 126 -39.12 8.10 8.57
C LEU A 126 -38.89 9.59 8.73
N VAL A 127 -38.72 10.03 9.97
CA VAL A 127 -38.49 11.43 10.29
C VAL A 127 -37.11 11.56 10.88
N PHE A 128 -36.29 12.42 10.29
CA PHE A 128 -34.89 12.56 10.62
C PHE A 128 -34.61 14.01 11.02
N GLU A 129 -33.51 14.20 11.75
CA GLU A 129 -33.05 15.56 12.03
C GLU A 129 -32.68 16.22 10.70
N TYR A 130 -32.80 17.54 10.69
CA TYR A 130 -32.49 18.36 9.53
C TYR A 130 -31.05 18.84 9.64
N ILE A 131 -30.28 18.60 8.58
CA ILE A 131 -28.92 19.09 8.49
C ILE A 131 -28.87 20.07 7.35
N ASN A 132 -28.30 21.23 7.61
CA ASN A 132 -28.19 22.32 6.65
C ASN A 132 -26.95 22.08 5.79
N ASN A 133 -27.06 21.11 4.88
CA ASN A 133 -25.87 20.63 4.18
C ASN A 133 -25.55 21.46 2.96
N THR A 134 -24.27 21.45 2.60
CA THR A 134 -23.76 22.08 1.38
C THR A 134 -23.61 20.99 0.33
N ASP A 135 -24.25 21.19 -0.84
CA ASP A 135 -24.17 20.25 -1.97
C ASP A 135 -22.73 19.86 -2.22
N PHE A 136 -22.46 18.55 -2.29
CA PHE A 136 -21.08 18.11 -2.46
C PHE A 136 -20.44 18.62 -3.74
N LYS A 137 -21.19 18.80 -4.82
CA LYS A 137 -20.54 19.27 -6.04
C LYS A 137 -19.94 20.66 -5.83
N GLN A 138 -20.57 21.49 -5.03
CA GLN A 138 -20.01 22.81 -4.74
C GLN A 138 -19.00 22.75 -3.59
N LEU A 139 -19.24 21.91 -2.61
CA LEU A 139 -18.36 21.83 -1.47
C LEU A 139 -17.00 21.27 -1.85
N TYR A 140 -16.96 20.17 -2.60
CA TYR A 140 -15.67 19.51 -2.78
C TYR A 140 -14.69 20.41 -3.52
N GLN A 141 -15.17 21.32 -4.36
CA GLN A 141 -14.23 22.19 -5.06
C GLN A 141 -13.58 23.27 -4.19
N ILE A 142 -14.09 23.51 -2.97
CA ILE A 142 -13.51 24.51 -2.06
C ILE A 142 -12.84 23.91 -0.84
N LEU A 143 -12.86 22.60 -0.67
CA LEU A 143 -12.18 21.99 0.48
C LEU A 143 -10.69 22.25 0.41
N THR A 144 -10.10 22.51 1.59
CA THR A 144 -8.64 22.56 1.74
C THR A 144 -8.12 21.20 2.26
N ASP A 145 -6.79 21.10 2.38
CA ASP A 145 -6.15 19.89 2.89
C ASP A 145 -6.72 19.55 4.26
N PHE A 146 -6.77 20.56 5.14
CA PHE A 146 -7.21 20.27 6.52
C PHE A 146 -8.70 19.89 6.53
N ASP A 147 -9.50 20.53 5.70
CA ASP A 147 -10.91 20.19 5.66
C ASP A 147 -11.11 18.73 5.27
N ILE A 148 -10.33 18.23 4.28
CA ILE A 148 -10.50 16.84 3.87
C ILE A 148 -10.14 15.92 5.02
N ARG A 149 -9.03 16.18 5.68
CA ARG A 149 -8.65 15.37 6.84
C ARG A 149 -9.74 15.36 7.87
N PHE A 150 -10.31 16.53 8.15
CA PHE A 150 -11.33 16.63 9.17
C PHE A 150 -12.55 15.84 8.80
N TYR A 151 -13.09 16.05 7.59
CA TYR A 151 -14.34 15.38 7.27
C TYR A 151 -14.13 13.88 7.06
N MET A 152 -13.00 13.47 6.48
CA MET A 152 -12.75 12.04 6.40
C MET A 152 -12.66 11.40 7.79
N TYR A 153 -12.04 12.12 8.75
CA TYR A 153 -11.96 11.61 10.12
C TYR A 153 -13.34 11.46 10.72
N GLU A 154 -14.18 12.45 10.53
CA GLU A 154 -15.56 12.41 11.02
C GLU A 154 -16.34 11.26 10.37
N LEU A 155 -16.18 11.05 9.07
CA LEU A 155 -16.83 9.93 8.41
C LEU A 155 -16.34 8.61 8.96
N LEU A 156 -15.02 8.46 9.20
CA LEU A 156 -14.50 7.25 9.79
C LEU A 156 -15.17 6.98 11.13
N LYS A 157 -15.45 8.05 11.90
CA LYS A 157 -16.08 7.80 13.20
C LYS A 157 -17.44 7.13 13.02
N ALA A 158 -18.19 7.57 12.03
CA ALA A 158 -19.50 6.98 11.75
C ALA A 158 -19.36 5.53 11.32
N LEU A 159 -18.36 5.24 10.48
CA LEU A 159 -18.18 3.86 10.01
C LEU A 159 -17.68 2.95 11.12
N ASP A 160 -16.69 3.40 11.90
CA ASP A 160 -16.30 2.60 13.06
C ASP A 160 -17.48 2.31 13.96
N TYR A 161 -18.32 3.30 14.18
CA TYR A 161 -19.49 3.08 15.01
C TYR A 161 -20.41 2.00 14.46
N CYS A 162 -20.85 2.18 13.23
CA CYS A 162 -21.79 1.20 12.68
C CYS A 162 -21.17 -0.20 12.54
N HIS A 163 -19.90 -0.28 12.13
CA HIS A 163 -19.27 -1.59 12.07
C HIS A 163 -19.20 -2.22 13.44
N SER A 164 -18.89 -1.43 14.49
CA SER A 164 -18.83 -1.96 15.85
C SER A 164 -20.17 -2.46 16.31
N LYS A 165 -21.26 -1.94 15.71
CA LYS A 165 -22.62 -2.39 15.97
C LYS A 165 -23.09 -3.52 15.03
N GLY A 166 -22.18 -4.08 14.24
CA GLY A 166 -22.52 -5.19 13.37
C GLY A 166 -23.23 -4.83 12.11
N ILE A 167 -23.01 -3.62 11.61
CA ILE A 167 -23.76 -3.14 10.46
C ILE A 167 -22.81 -2.64 9.42
N MET A 168 -23.05 -3.02 8.17
CA MET A 168 -22.37 -2.52 6.99
C MET A 168 -23.31 -1.52 6.32
N HIS A 169 -22.80 -0.36 5.94
CA HIS A 169 -23.68 0.67 5.32
C HIS A 169 -24.03 0.32 3.86
N ARG A 170 -23.00 -0.04 3.09
CA ARG A 170 -23.15 -0.55 1.73
C ARG A 170 -23.52 0.51 0.70
N ASP A 171 -23.50 1.82 1.03
CA ASP A 171 -23.83 2.83 0.04
C ASP A 171 -23.11 4.13 0.41
N VAL A 172 -21.87 4.01 0.84
CA VAL A 172 -21.08 5.17 1.14
C VAL A 172 -20.71 5.86 -0.16
N LYS A 173 -21.00 7.15 -0.23
CA LYS A 173 -20.78 7.98 -1.41
C LYS A 173 -21.06 9.43 -1.01
N PRO A 174 -20.58 10.39 -1.80
CA PRO A 174 -20.76 11.81 -1.43
C PRO A 174 -22.20 12.19 -1.14
N HIS A 175 -23.14 11.70 -1.93
CA HIS A 175 -24.54 12.03 -1.76
C HIS A 175 -25.09 11.55 -0.42
N ASN A 176 -24.47 10.56 0.20
CA ASN A 176 -24.92 10.01 1.46
C ASN A 176 -24.11 10.49 2.65
N VAL A 177 -23.24 11.44 2.45
CA VAL A 177 -22.45 12.02 3.52
C VAL A 177 -22.79 13.51 3.56
N MET A 178 -23.76 13.89 4.40
N MET A 178 -23.79 13.87 4.35
CA MET A 178 -24.21 15.28 4.51
CA MET A 178 -24.16 15.27 4.48
C MET A 178 -23.29 16.09 5.40
C MET A 178 -23.15 16.01 5.33
N ILE A 179 -22.78 17.20 4.85
CA ILE A 179 -21.81 18.08 5.51
C ILE A 179 -22.41 19.46 5.60
N ASP A 180 -22.57 19.95 6.83
CA ASP A 180 -22.90 21.35 7.08
C ASP A 180 -21.56 22.03 7.28
N HIS A 181 -21.08 22.75 6.28
CA HIS A 181 -19.72 23.26 6.32
C HIS A 181 -19.60 24.52 7.16
N GLN A 182 -20.72 25.15 7.55
CA GLN A 182 -20.64 26.27 8.48
C GLN A 182 -20.52 25.79 9.92
N GLN A 183 -21.28 24.77 10.31
CA GLN A 183 -21.17 24.24 11.66
C GLN A 183 -20.19 23.10 11.79
N LYS A 184 -19.55 22.71 10.70
CA LYS A 184 -18.59 21.61 10.69
C LYS A 184 -19.21 20.31 11.24
N LYS A 185 -20.42 20.01 10.75
CA LYS A 185 -21.19 18.82 11.11
C LYS A 185 -21.27 17.89 9.93
N LEU A 186 -21.12 16.61 10.23
CA LEU A 186 -21.21 15.54 9.25
C LEU A 186 -22.16 14.45 9.73
N ARG A 187 -23.01 14.00 8.83
CA ARG A 187 -23.91 12.87 9.07
C ARG A 187 -23.91 11.88 7.91
N LEU A 188 -23.79 10.61 8.25
CA LEU A 188 -23.93 9.52 7.31
C LEU A 188 -25.39 9.15 7.25
N ILE A 189 -25.96 9.26 6.05
CA ILE A 189 -27.38 9.13 5.81
C ILE A 189 -27.67 7.94 4.91
N ASP A 190 -28.96 7.72 4.67
CA ASP A 190 -29.54 6.74 3.76
C ASP A 190 -29.05 5.33 4.02
N TRP A 191 -29.61 4.78 5.09
CA TRP A 191 -29.32 3.46 5.59
C TRP A 191 -30.22 2.39 4.95
N GLY A 192 -30.87 2.73 3.83
CA GLY A 192 -31.76 1.82 3.14
C GLY A 192 -31.11 0.59 2.52
N LEU A 193 -29.79 0.60 2.28
CA LEU A 193 -29.07 -0.57 1.76
C LEU A 193 -28.29 -1.29 2.84
N ALA A 194 -28.26 -0.76 4.05
CA ALA A 194 -27.41 -1.31 5.07
C ALA A 194 -27.90 -2.70 5.50
N GLU A 195 -26.96 -3.49 6.03
CA GLU A 195 -27.29 -4.85 6.45
C GLU A 195 -26.46 -5.24 7.66
N PHE A 196 -26.95 -6.27 8.35
CA PHE A 196 -26.21 -6.87 9.42
C PHE A 196 -25.18 -7.87 8.91
N TYR A 197 -23.97 -7.82 9.49
CA TYR A 197 -22.89 -8.72 9.13
C TYR A 197 -22.98 -9.98 9.98
N HIS A 198 -23.04 -11.13 9.32
CA HIS A 198 -22.92 -12.39 9.99
C HIS A 198 -21.83 -13.21 9.32
N PRO A 199 -20.92 -13.82 10.08
CA PRO A 199 -19.82 -14.58 9.47
C PRO A 199 -20.32 -15.62 8.50
N ALA A 200 -19.72 -15.66 7.33
CA ALA A 200 -19.95 -16.67 6.30
C ALA A 200 -21.24 -16.44 5.54
N GLN A 201 -22.02 -15.39 5.85
CA GLN A 201 -23.21 -15.10 5.06
C GLN A 201 -22.84 -14.53 3.69
N GLU A 202 -23.62 -14.93 2.69
CA GLU A 202 -23.49 -14.41 1.35
C GLU A 202 -24.48 -13.30 1.18
N TYR A 203 -24.02 -12.20 0.61
CA TYR A 203 -24.79 -10.99 0.49
C TYR A 203 -24.97 -10.66 -0.98
N ASN A 204 -26.02 -9.92 -1.19
CA ASN A 204 -26.39 -9.39 -2.49
C ASN A 204 -25.31 -8.44 -2.92
N VAL A 205 -24.79 -8.61 -4.14
CA VAL A 205 -23.75 -7.71 -4.66
C VAL A 205 -24.33 -6.46 -5.33
N ARG A 206 -25.67 -6.40 -5.57
CA ARG A 206 -26.32 -5.24 -6.17
C ARG A 206 -26.59 -4.20 -5.07
N VAL A 207 -25.49 -3.65 -4.55
CA VAL A 207 -25.49 -2.55 -3.59
C VAL A 207 -24.47 -1.51 -4.04
N ALA A 208 -24.55 -0.31 -3.45
CA ALA A 208 -23.65 0.80 -3.75
C ALA A 208 -23.85 1.44 -5.13
N SER A 209 -23.48 2.70 -5.25
CA SER A 209 -23.43 3.33 -6.56
C SER A 209 -22.27 2.77 -7.37
N ARG A 210 -22.44 2.73 -8.69
CA ARG A 210 -21.41 2.13 -9.53
C ARG A 210 -20.02 2.63 -9.16
N TYR A 211 -19.85 3.95 -8.98
CA TYR A 211 -18.51 4.48 -8.85
C TYR A 211 -17.84 4.12 -7.53
N PHE A 212 -18.62 3.69 -6.56
CA PHE A 212 -18.19 3.39 -5.20
C PHE A 212 -18.26 1.90 -4.90
N LYS A 213 -18.61 1.08 -5.90
CA LYS A 213 -18.65 -0.36 -5.70
C LYS A 213 -17.25 -0.93 -5.54
N GLY A 214 -17.04 -1.73 -4.51
CA GLY A 214 -15.77 -2.39 -4.34
C GLY A 214 -15.59 -3.48 -5.36
N PRO A 215 -14.34 -3.87 -5.63
CA PRO A 215 -14.12 -4.93 -6.62
C PRO A 215 -14.90 -6.19 -6.29
N GLU A 216 -15.06 -6.50 -4.98
CA GLU A 216 -15.82 -7.67 -4.63
C GLU A 216 -17.20 -7.69 -5.24
N LEU A 217 -17.87 -6.53 -5.28
CA LEU A 217 -19.21 -6.46 -5.86
C LEU A 217 -19.15 -6.63 -7.37
N LEU A 218 -18.13 -6.06 -8.00
CA LEU A 218 -18.04 -6.08 -9.46
C LEU A 218 -17.71 -7.46 -10.00
N VAL A 219 -17.06 -8.29 -9.20
CA VAL A 219 -16.75 -9.66 -9.61
C VAL A 219 -17.68 -10.68 -8.94
N ASP A 220 -18.74 -10.23 -8.27
CA ASP A 220 -19.79 -11.13 -7.76
C ASP A 220 -19.33 -11.98 -6.60
N TYR A 221 -18.39 -11.48 -5.81
CA TYR A 221 -18.00 -12.14 -4.58
C TYR A 221 -18.92 -11.77 -3.42
N GLN A 222 -19.70 -12.71 -2.93
CA GLN A 222 -20.80 -12.40 -2.01
C GLN A 222 -20.43 -12.44 -0.54
N MET A 223 -19.31 -13.04 -0.18
CA MET A 223 -18.92 -13.20 1.22
C MET A 223 -18.13 -11.99 1.70
N TYR A 224 -18.67 -10.79 1.47
CA TYR A 224 -18.01 -9.55 1.83
C TYR A 224 -18.39 -9.10 3.24
N ASP A 225 -17.84 -7.99 3.67
CA ASP A 225 -18.01 -7.55 5.06
C ASP A 225 -17.89 -6.02 5.14
N TYR A 226 -17.68 -5.50 6.34
CA TYR A 226 -17.57 -4.08 6.59
C TYR A 226 -16.52 -3.41 5.72
N SER A 227 -15.49 -4.15 5.31
CA SER A 227 -14.41 -3.62 4.48
C SER A 227 -14.90 -3.06 3.13
N LEU A 228 -16.08 -3.49 2.66
CA LEU A 228 -16.71 -2.85 1.51
C LEU A 228 -16.82 -1.33 1.70
N ASP A 229 -17.22 -0.91 2.89
CA ASP A 229 -17.37 0.52 3.16
C ASP A 229 -16.04 1.24 3.14
N MET A 230 -14.94 0.53 3.46
CA MET A 230 -13.63 1.14 3.44
C MET A 230 -13.14 1.37 2.01
N TRP A 231 -13.52 0.50 1.05
CA TRP A 231 -13.27 0.81 -0.35
C TRP A 231 -13.97 2.10 -0.73
N SER A 232 -15.25 2.20 -0.44
CA SER A 232 -16.03 3.37 -0.79
C SER A 232 -15.42 4.64 -0.20
N LEU A 233 -14.95 4.54 1.05
CA LEU A 233 -14.33 5.69 1.67
C LEU A 233 -13.03 6.07 0.99
N GLY A 234 -12.23 5.06 0.60
CA GLY A 234 -11.05 5.34 -0.18
C GLY A 234 -11.35 6.04 -1.47
N CYS A 235 -12.44 5.63 -2.16
CA CYS A 235 -12.82 6.30 -3.39
C CYS A 235 -13.12 7.78 -3.11
N MET A 236 -13.80 8.06 -2.01
CA MET A 236 -14.08 9.44 -1.64
C MET A 236 -12.79 10.20 -1.31
N LEU A 237 -11.89 9.60 -0.54
CA LEU A 237 -10.63 10.27 -0.27
C LEU A 237 -9.90 10.60 -1.55
N ALA A 238 -9.78 9.63 -2.46
CA ALA A 238 -9.06 9.89 -3.70
C ALA A 238 -9.71 11.03 -4.44
N SER A 239 -11.05 11.03 -4.50
CA SER A 239 -11.74 12.07 -5.26
C SER A 239 -11.49 13.45 -4.68
N MET A 240 -11.37 13.51 -3.36
CA MET A 240 -11.17 14.80 -2.70
C MET A 240 -9.74 15.29 -2.86
N ILE A 241 -8.76 14.44 -2.56
CA ILE A 241 -7.38 14.92 -2.64
C ILE A 241 -6.95 15.18 -4.06
N PHE A 242 -7.48 14.46 -5.03
CA PHE A 242 -7.06 14.61 -6.42
C PHE A 242 -7.98 15.51 -7.20
N ARG A 243 -9.06 16.03 -6.58
CA ARG A 243 -10.01 16.89 -7.28
C ARG A 243 -10.52 16.21 -8.56
N ARG A 244 -11.01 14.99 -8.36
CA ARG A 244 -11.42 14.13 -9.45
C ARG A 244 -12.58 13.30 -8.91
N GLU A 245 -13.81 13.77 -9.17
CA GLU A 245 -14.99 13.23 -8.50
C GLU A 245 -15.98 12.82 -9.57
N PRO A 246 -16.38 11.51 -9.65
CA PRO A 246 -15.84 10.37 -8.95
C PRO A 246 -14.45 10.02 -9.41
N PHE A 247 -13.69 9.31 -8.57
CA PHE A 247 -12.33 8.93 -8.92
C PHE A 247 -12.27 7.92 -10.04
N PHE A 248 -13.03 6.84 -9.90
CA PHE A 248 -13.15 5.78 -10.89
C PHE A 248 -14.48 5.97 -11.57
N HIS A 249 -14.45 6.45 -12.81
CA HIS A 249 -15.65 6.88 -13.53
C HIS A 249 -16.01 5.93 -14.66
N GLY A 250 -16.47 4.76 -14.31
CA GLY A 250 -16.87 3.79 -15.32
C GLY A 250 -18.22 4.06 -15.98
N GLN A 251 -18.43 3.51 -17.17
CA GLN A 251 -19.66 3.79 -17.91
C GLN A 251 -20.75 2.74 -17.67
N ASP A 252 -20.39 1.61 -17.08
CA ASP A 252 -21.27 0.51 -16.66
C ASP A 252 -20.45 -0.30 -15.67
N ASN A 253 -21.04 -1.38 -15.15
CA ASN A 253 -20.37 -2.13 -14.11
C ASN A 253 -19.12 -2.84 -14.62
N TYR A 254 -19.11 -3.25 -15.88
CA TYR A 254 -17.92 -3.91 -16.40
C TYR A 254 -16.79 -2.89 -16.56
N ASP A 255 -17.10 -1.76 -17.17
CA ASP A 255 -16.11 -0.73 -17.36
C ASP A 255 -15.63 -0.21 -16.02
N GLN A 256 -16.47 -0.26 -15.00
CA GLN A 256 -16.03 0.20 -13.69
C GLN A 256 -14.81 -0.59 -13.22
N LEU A 257 -14.81 -1.90 -13.41
CA LEU A 257 -13.65 -2.69 -13.01
C LEU A 257 -12.43 -2.34 -13.88
N VAL A 258 -12.65 -2.01 -15.14
CA VAL A 258 -11.54 -1.63 -15.96
C VAL A 258 -10.92 -0.35 -15.45
N ARG A 259 -11.76 0.61 -15.10
CA ARG A 259 -11.26 1.88 -14.60
C ARG A 259 -10.40 1.66 -13.38
N ILE A 260 -10.81 0.76 -12.50
CA ILE A 260 -10.01 0.44 -11.33
C ILE A 260 -8.72 -0.25 -11.73
N ALA A 261 -8.78 -1.22 -12.65
CA ALA A 261 -7.58 -1.96 -13.07
C ALA A 261 -6.55 -1.08 -13.76
N LYS A 262 -7.01 -0.03 -14.42
CA LYS A 262 -6.06 0.89 -15.04
C LYS A 262 -5.24 1.68 -14.00
N VAL A 263 -5.64 1.68 -12.76
CA VAL A 263 -4.91 2.33 -11.70
C VAL A 263 -4.18 1.32 -10.83
N LEU A 264 -4.93 0.34 -10.29
CA LEU A 264 -4.39 -0.66 -9.38
C LEU A 264 -3.63 -1.76 -10.08
N GLY A 265 -3.80 -1.84 -11.39
CA GLY A 265 -3.12 -2.85 -12.17
C GLY A 265 -3.92 -4.13 -12.20
N THR A 266 -3.67 -4.90 -13.24
CA THR A 266 -4.38 -6.17 -13.42
C THR A 266 -3.72 -7.34 -12.73
N GLU A 267 -2.45 -7.26 -12.38
CA GLU A 267 -1.86 -8.47 -11.82
C GLU A 267 -2.41 -8.72 -10.43
N GLU A 268 -2.56 -7.66 -9.64
CA GLU A 268 -3.14 -7.79 -8.31
C GLU A 268 -4.60 -8.17 -8.39
N LEU A 269 -5.30 -7.75 -9.45
CA LEU A 269 -6.69 -8.16 -9.64
C LEU A 269 -6.76 -9.66 -9.87
N TYR A 270 -5.99 -10.18 -10.80
CA TYR A 270 -6.03 -11.62 -11.03
C TYR A 270 -5.52 -12.36 -9.81
N GLY A 271 -4.60 -11.78 -9.04
CA GLY A 271 -4.16 -12.43 -7.80
C GLY A 271 -5.30 -12.55 -6.80
N TYR A 272 -6.12 -11.50 -6.71
CA TYR A 272 -7.27 -11.49 -5.79
C TYR A 272 -8.27 -12.56 -6.20
N LEU A 273 -8.62 -12.61 -7.47
CA LEU A 273 -9.54 -13.62 -7.94
C LEU A 273 -9.03 -15.01 -7.64
N LYS A 274 -7.74 -15.24 -7.87
CA LYS A 274 -7.19 -16.58 -7.67
C LYS A 274 -7.25 -16.93 -6.19
N LYS A 275 -6.98 -15.98 -5.32
CA LYS A 275 -6.88 -16.28 -3.88
C LYS A 275 -8.22 -16.68 -3.30
N TYR A 276 -9.31 -16.03 -3.73
CA TYR A 276 -10.64 -16.29 -3.20
C TYR A 276 -11.45 -17.21 -4.10
N HIS A 277 -10.81 -17.77 -5.12
CA HIS A 277 -11.47 -18.69 -6.04
C HIS A 277 -12.71 -18.06 -6.64
N ILE A 278 -12.56 -16.87 -7.20
CA ILE A 278 -13.73 -16.11 -7.59
C ILE A 278 -14.14 -16.46 -9.01
N ASP A 279 -15.44 -16.74 -9.24
CA ASP A 279 -15.95 -17.02 -10.57
C ASP A 279 -16.03 -15.73 -11.34
N LEU A 280 -15.22 -15.63 -12.38
CA LEU A 280 -15.10 -14.41 -13.17
C LEU A 280 -16.02 -14.51 -14.40
N ASP A 281 -16.97 -13.59 -14.49
CA ASP A 281 -17.82 -13.39 -15.66
C ASP A 281 -16.96 -13.32 -16.92
N PRO A 282 -17.21 -14.17 -17.92
CA PRO A 282 -16.25 -14.27 -19.03
C PRO A 282 -16.16 -13.03 -19.89
N HIS A 283 -17.10 -12.10 -19.80
N HIS A 283 -17.08 -12.09 -19.80
CA HIS A 283 -16.94 -10.88 -20.59
CA HIS A 283 -16.92 -10.93 -20.65
C HIS A 283 -15.66 -10.17 -20.21
C HIS A 283 -15.79 -10.02 -20.18
N PHE A 284 -15.32 -10.20 -18.93
CA PHE A 284 -14.12 -9.51 -18.44
C PHE A 284 -12.86 -9.98 -19.15
N ASN A 285 -12.86 -11.22 -19.68
CA ASN A 285 -11.65 -11.70 -20.33
C ASN A 285 -11.30 -10.81 -21.52
N ASP A 286 -12.31 -10.22 -22.12
CA ASP A 286 -12.13 -9.44 -23.33
C ASP A 286 -11.73 -8.01 -23.03
N ILE A 287 -12.12 -7.48 -21.91
CA ILE A 287 -12.03 -6.04 -21.70
C ILE A 287 -10.98 -5.65 -20.70
N LEU A 288 -10.51 -6.56 -19.86
CA LEU A 288 -9.65 -6.12 -18.76
C LEU A 288 -8.27 -5.80 -19.26
N GLY A 289 -7.77 -6.63 -20.17
CA GLY A 289 -6.47 -6.31 -20.73
C GLY A 289 -5.37 -6.55 -19.71
N GLN A 290 -4.26 -5.84 -19.90
CA GLN A 290 -3.09 -5.94 -19.03
C GLN A 290 -2.69 -4.51 -18.69
N HIS A 291 -2.67 -4.18 -17.39
CA HIS A 291 -2.34 -2.84 -16.91
C HIS A 291 -1.35 -2.89 -15.75
N SER A 292 -0.36 -2.02 -15.81
CA SER A 292 0.53 -1.88 -14.68
C SER A 292 -0.15 -1.11 -13.56
N ARG A 293 0.27 -1.39 -12.34
CA ARG A 293 -0.08 -0.58 -11.19
C ARG A 293 0.60 0.79 -11.29
N LYS A 294 -0.20 1.85 -11.19
CA LYS A 294 0.30 3.21 -11.27
C LYS A 294 0.62 3.70 -9.88
N ARG A 295 1.66 4.47 -9.75
CA ARG A 295 1.95 5.08 -8.46
C ARG A 295 1.00 6.25 -8.21
N TRP A 296 0.54 6.37 -6.98
CA TRP A 296 -0.39 7.42 -6.61
C TRP A 296 0.12 8.80 -6.89
N GLU A 297 1.44 9.02 -6.79
N GLU A 297 1.43 9.05 -6.75
CA GLU A 297 2.03 10.34 -7.01
CA GLU A 297 1.98 10.39 -7.03
C GLU A 297 1.91 10.82 -8.45
C GLU A 297 1.67 10.85 -8.43
N ASN A 298 1.55 9.93 -9.38
CA ASN A 298 1.24 10.30 -10.76
C ASN A 298 -0.10 11.01 -10.94
N PHE A 299 -0.97 11.00 -9.94
CA PHE A 299 -2.25 11.68 -10.07
C PHE A 299 -2.21 13.08 -9.50
N ILE A 300 -1.05 13.53 -9.03
CA ILE A 300 -0.87 14.91 -8.60
C ILE A 300 -0.73 15.80 -9.82
N HIS A 301 -1.39 16.96 -9.84
CA HIS A 301 -1.14 17.98 -10.85
C HIS A 301 -1.35 19.35 -10.19
N SER A 302 -1.21 20.40 -10.98
CA SER A 302 -1.10 21.73 -10.42
C SER A 302 -2.32 22.17 -9.63
N GLU A 303 -3.49 21.63 -9.92
CA GLU A 303 -4.71 22.09 -9.28
C GLU A 303 -5.12 21.24 -8.07
N ASN A 304 -4.40 20.14 -7.81
CA ASN A 304 -4.62 19.38 -6.59
C ASN A 304 -3.40 19.29 -5.67
N ARG A 305 -2.29 19.91 -6.03
CA ARG A 305 -1.04 19.74 -5.29
C ARG A 305 -1.14 20.20 -3.85
N HIS A 306 -1.95 21.22 -3.61
CA HIS A 306 -2.14 21.75 -2.26
C HIS A 306 -2.96 20.84 -1.36
N LEU A 307 -3.51 19.73 -1.90
CA LEU A 307 -4.33 18.77 -1.15
C LEU A 307 -3.63 17.43 -0.90
N VAL A 308 -2.52 17.20 -1.56
CA VAL A 308 -1.88 15.91 -1.58
C VAL A 308 -0.61 15.97 -0.78
N SER A 309 -0.45 15.00 0.11
CA SER A 309 0.73 14.85 0.94
C SER A 309 1.16 13.39 0.93
N PRO A 310 2.41 13.11 1.30
CA PRO A 310 2.82 11.70 1.37
C PRO A 310 1.98 10.92 2.34
N GLU A 311 1.48 11.54 3.41
CA GLU A 311 0.64 10.81 4.36
C GLU A 311 -0.69 10.45 3.71
N ALA A 312 -1.25 11.36 2.91
CA ALA A 312 -2.50 11.07 2.24
C ALA A 312 -2.35 9.89 1.31
N LEU A 313 -1.24 9.84 0.59
CA LEU A 313 -1.06 8.77 -0.39
C LEU A 313 -0.84 7.44 0.29
N ASP A 314 -0.14 7.47 1.41
CA ASP A 314 0.11 6.26 2.18
C ASP A 314 -1.21 5.67 2.72
N LEU A 315 -2.10 6.52 3.19
CA LEU A 315 -3.42 6.07 3.64
C LEU A 315 -4.21 5.51 2.45
N LEU A 316 -4.27 6.26 1.37
CA LEU A 316 -5.10 5.87 0.24
C LEU A 316 -4.65 4.49 -0.25
N ASP A 317 -3.34 4.30 -0.31
CA ASP A 317 -2.81 3.02 -0.78
C ASP A 317 -3.26 1.84 0.08
N LYS A 318 -3.54 2.06 1.35
CA LYS A 318 -4.00 1.02 2.28
C LYS A 318 -5.50 0.87 2.33
N LEU A 319 -6.27 1.72 1.63
CA LEU A 319 -7.73 1.62 1.53
C LEU A 319 -8.12 1.03 0.18
N LEU A 320 -7.54 1.53 -0.93
CA LEU A 320 -7.90 1.08 -2.27
C LEU A 320 -7.04 -0.12 -2.65
N ARG A 321 -7.39 -1.26 -2.04
CA ARG A 321 -6.79 -2.56 -2.32
C ARG A 321 -7.88 -3.52 -2.79
N TYR A 322 -7.56 -4.31 -3.81
CA TYR A 322 -8.52 -5.31 -4.25
C TYR A 322 -8.91 -6.21 -3.10
N ASP A 323 -7.91 -6.73 -2.39
CA ASP A 323 -8.13 -7.74 -1.37
C ASP A 323 -8.81 -7.07 -0.17
N HIS A 324 -10.11 -7.35 0.00
CA HIS A 324 -10.88 -6.66 1.02
C HIS A 324 -10.33 -6.94 2.41
N GLN A 325 -9.70 -8.08 2.60
CA GLN A 325 -9.13 -8.43 3.90
C GLN A 325 -7.88 -7.62 4.24
N GLN A 326 -7.22 -7.02 3.27
CA GLN A 326 -6.00 -6.27 3.50
C GLN A 326 -6.25 -4.79 3.64
N ARG A 327 -7.46 -4.31 3.38
CA ARG A 327 -7.77 -2.89 3.59
C ARG A 327 -7.74 -2.55 5.09
N LEU A 328 -7.36 -1.30 5.43
CA LEU A 328 -7.48 -0.86 6.81
C LEU A 328 -8.94 -0.96 7.29
N THR A 329 -9.10 -1.30 8.57
CA THR A 329 -10.36 -1.09 9.23
C THR A 329 -10.56 0.40 9.54
N ALA A 330 -11.80 0.76 9.87
CA ALA A 330 -12.08 2.17 10.16
C ALA A 330 -11.20 2.65 11.31
N LYS A 331 -11.04 1.83 12.33
CA LYS A 331 -10.25 2.25 13.46
C LYS A 331 -8.78 2.37 13.10
N GLU A 332 -8.24 1.39 12.33
CA GLU A 332 -6.87 1.51 11.84
C GLU A 332 -6.66 2.78 11.02
N ALA A 333 -7.61 3.11 10.18
CA ALA A 333 -7.51 4.31 9.37
C ALA A 333 -7.46 5.55 10.27
N MET A 334 -8.27 5.59 11.33
CA MET A 334 -8.29 6.75 12.19
C MET A 334 -6.95 6.94 12.88
N GLU A 335 -6.15 5.90 13.00
CA GLU A 335 -4.85 5.98 13.64
C GLU A 335 -3.72 6.37 12.68
N HIS A 336 -4.07 6.62 11.41
CA HIS A 336 -3.06 6.92 10.43
C HIS A 336 -2.51 8.34 10.63
N PRO A 337 -1.22 8.56 10.37
CA PRO A 337 -0.63 9.91 10.44
C PRO A 337 -1.34 11.01 9.64
N TYR A 338 -2.01 10.69 8.52
CA TYR A 338 -2.81 11.69 7.81
C TYR A 338 -3.73 12.44 8.74
N PHE A 339 -4.23 11.80 9.78
CA PHE A 339 -5.19 12.42 10.67
C PHE A 339 -4.54 13.04 11.90
N TYR A 340 -3.23 13.02 12.04
CA TYR A 340 -2.62 13.63 13.22
C TYR A 340 -3.03 15.08 13.42
N PRO A 341 -3.04 15.95 12.40
CA PRO A 341 -3.43 17.34 12.64
C PRO A 341 -4.84 17.47 13.19
N VAL A 342 -5.75 16.59 12.77
CA VAL A 342 -7.14 16.61 13.27
C VAL A 342 -7.20 16.13 14.71
N VAL A 343 -6.56 15.00 15.01
CA VAL A 343 -6.59 14.44 16.36
C VAL A 343 -5.98 15.41 17.32
N LYS A 344 -4.87 16.05 16.92
CA LYS A 344 -4.24 17.01 17.80
C LYS A 344 -5.19 18.15 18.13
N GLU A 345 -5.94 18.65 17.14
CA GLU A 345 -6.87 19.75 17.42
C GLU A 345 -8.10 19.29 18.20
N GLN A 346 -8.49 18.02 18.11
CA GLN A 346 -9.54 17.51 19.00
C GLN A 346 -9.05 17.27 20.43
N SER A 347 -7.87 17.83 20.79
CA SER A 347 -7.32 17.75 22.16
C SER A 347 -7.27 19.11 22.85
N ALA B 19 16.85 21.46 2.20
CA ALA B 19 17.80 20.58 2.91
C ALA B 19 19.24 20.80 2.41
N ALA B 20 20.24 20.21 3.07
CA ALA B 20 21.65 20.39 2.72
C ALA B 20 22.03 19.36 1.67
N GLY B 21 23.09 19.69 0.86
CA GLY B 21 23.55 18.81 -0.19
C GLY B 21 24.43 17.71 0.34
N SER B 22 24.63 16.68 -0.47
CA SER B 22 25.44 15.56 -0.06
C SER B 22 26.08 14.98 -1.32
N ARG B 23 27.23 14.33 -1.18
N ARG B 23 27.28 14.41 -1.16
CA ARG B 23 27.88 13.67 -2.31
CA ARG B 23 27.98 13.66 -2.19
C ARG B 23 28.64 12.45 -1.81
C ARG B 23 28.44 12.30 -1.66
N ALA B 24 28.58 11.37 -2.59
CA ALA B 24 29.31 10.15 -2.32
C ALA B 24 30.76 10.45 -1.95
N ARG B 25 31.27 9.71 -0.98
CA ARG B 25 32.66 9.81 -0.54
C ARG B 25 33.62 9.08 -1.44
N VAL B 26 33.13 8.13 -2.21
CA VAL B 26 33.95 7.40 -3.17
C VAL B 26 33.19 7.31 -4.48
N TYR B 27 33.94 7.13 -5.57
CA TYR B 27 33.36 6.90 -6.86
C TYR B 27 32.39 8.04 -7.27
N ALA B 28 32.54 9.27 -6.74
CA ALA B 28 31.53 10.28 -7.01
C ALA B 28 31.43 10.66 -8.47
N GLU B 29 32.55 10.79 -9.16
CA GLU B 29 32.56 11.39 -10.48
C GLU B 29 32.75 10.37 -11.57
N VAL B 30 32.67 9.09 -11.23
CA VAL B 30 33.04 8.06 -12.22
C VAL B 30 32.21 8.14 -13.49
N ASN B 31 30.88 8.39 -13.37
CA ASN B 31 30.06 8.46 -14.58
C ASN B 31 30.43 9.66 -15.45
N SER B 32 30.79 10.82 -14.85
CA SER B 32 31.15 11.95 -15.66
C SER B 32 32.45 11.74 -16.37
N LEU B 33 33.27 10.85 -15.84
CA LEU B 33 34.55 10.56 -16.44
C LEU B 33 34.46 9.59 -17.63
N ARG B 34 33.32 8.95 -17.77
CA ARG B 34 33.03 8.00 -18.84
C ARG B 34 32.33 8.68 -20.02
N SER B 35 32.38 8.02 -21.17
CA SER B 35 31.60 8.45 -22.32
C SER B 35 30.13 8.56 -21.94
N ARG B 36 29.43 9.58 -22.41
N ARG B 36 29.47 9.57 -22.46
CA ARG B 36 28.02 9.65 -22.08
CA ARG B 36 28.04 9.76 -22.27
C ARG B 36 27.30 8.33 -22.39
C ARG B 36 27.23 8.51 -22.54
N GLU B 37 27.62 7.73 -23.56
CA GLU B 37 26.92 6.52 -23.94
C GLU B 37 26.86 5.52 -22.82
N TYR B 38 27.81 5.58 -21.88
CA TYR B 38 27.84 4.64 -20.76
C TYR B 38 26.61 4.79 -19.88
N TRP B 39 26.27 6.04 -19.57
CA TRP B 39 25.22 6.31 -18.59
C TRP B 39 23.91 6.83 -19.19
N ASP B 40 23.87 7.12 -20.48
CA ASP B 40 22.69 7.71 -21.08
C ASP B 40 21.84 6.54 -21.57
N TYR B 41 21.17 5.90 -20.63
CA TYR B 41 20.51 4.66 -20.97
CA TYR B 41 20.48 4.67 -20.94
C TYR B 41 19.27 4.87 -21.84
N GLU B 42 18.67 6.07 -21.83
CA GLU B 42 17.54 6.34 -22.68
C GLU B 42 17.94 6.25 -24.16
N ALA B 43 19.25 6.41 -24.45
CA ALA B 43 19.74 6.29 -25.81
C ALA B 43 20.07 4.84 -26.18
N HIS B 44 19.98 3.91 -25.24
CA HIS B 44 20.36 2.53 -25.50
C HIS B 44 19.25 1.84 -26.28
N VAL B 45 19.63 1.06 -27.27
CA VAL B 45 18.67 0.34 -28.11
C VAL B 45 18.98 -1.15 -28.06
N PRO B 46 18.26 -1.91 -27.25
CA PRO B 46 18.47 -3.36 -27.26
C PRO B 46 18.05 -3.97 -28.59
N SER B 47 18.65 -5.12 -28.86
CA SER B 47 18.29 -5.98 -29.96
C SER B 47 17.56 -7.20 -29.43
N TRP B 48 16.31 -7.37 -29.88
CA TRP B 48 15.39 -8.32 -29.27
C TRP B 48 15.38 -9.57 -30.16
N GLY B 49 15.94 -10.65 -29.64
CA GLY B 49 15.87 -11.92 -30.32
C GLY B 49 14.56 -12.63 -30.05
N ASN B 50 14.53 -13.88 -30.49
CA ASN B 50 13.33 -14.69 -30.52
C ASN B 50 13.32 -15.59 -29.29
N GLN B 51 12.32 -15.43 -28.45
CA GLN B 51 12.25 -16.23 -27.24
C GLN B 51 11.97 -17.69 -27.52
N ASP B 52 11.52 -18.04 -28.72
CA ASP B 52 11.34 -19.44 -29.06
C ASP B 52 12.63 -20.22 -29.08
N ASP B 53 13.78 -19.57 -29.03
CA ASP B 53 15.06 -20.26 -28.78
C ASP B 53 15.19 -20.77 -27.38
N TYR B 54 14.26 -20.47 -26.51
CA TYR B 54 14.37 -20.84 -25.10
C TYR B 54 13.17 -21.69 -24.67
N GLN B 55 13.44 -22.82 -24.06
CA GLN B 55 12.44 -23.74 -23.57
C GLN B 55 12.26 -23.48 -22.08
N LEU B 56 11.06 -23.09 -21.67
CA LEU B 56 10.75 -22.68 -20.31
C LEU B 56 10.32 -23.90 -19.50
N VAL B 57 11.19 -24.42 -18.63
N VAL B 57 11.24 -24.44 -18.70
CA VAL B 57 10.99 -25.74 -18.03
CA VAL B 57 11.08 -25.73 -18.01
C VAL B 57 10.54 -25.72 -16.57
C VAL B 57 10.34 -25.60 -16.69
N ARG B 58 10.70 -24.60 -15.86
CA ARG B 58 10.19 -24.57 -14.51
C ARG B 58 10.03 -23.14 -14.04
N LYS B 59 8.85 -22.85 -13.56
CA LYS B 59 8.59 -21.54 -13.00
C LYS B 59 9.25 -21.45 -11.64
N LEU B 60 9.96 -20.36 -11.37
CA LEU B 60 10.68 -20.14 -10.12
C LEU B 60 9.89 -19.21 -9.21
N GLY B 61 10.14 -19.34 -7.91
CA GLY B 61 9.47 -18.52 -6.92
C GLY B 61 10.20 -17.21 -6.71
N ARG B 62 9.89 -16.21 -7.51
CA ARG B 62 10.56 -14.93 -7.41
C ARG B 62 9.63 -13.83 -6.93
N GLY B 63 8.62 -14.20 -6.15
CA GLY B 63 7.58 -13.29 -5.68
C GLY B 63 6.21 -13.77 -6.11
N LYS B 64 5.19 -12.99 -5.71
CA LYS B 64 3.82 -13.38 -6.02
C LYS B 64 3.52 -13.26 -7.51
N TYR B 65 3.97 -12.17 -8.14
CA TYR B 65 3.57 -11.82 -9.50
C TYR B 65 4.75 -11.82 -10.47
N SER B 66 5.72 -12.68 -10.23
CA SER B 66 6.86 -12.82 -11.11
C SER B 66 6.55 -13.81 -12.23
N GLU B 67 7.33 -13.72 -13.34
CA GLU B 67 7.26 -14.69 -14.42
C GLU B 67 8.71 -14.94 -14.75
N VAL B 68 9.35 -15.76 -13.93
CA VAL B 68 10.74 -16.13 -14.06
C VAL B 68 10.81 -17.64 -14.15
N PHE B 69 11.60 -18.13 -15.08
CA PHE B 69 11.65 -19.53 -15.38
C PHE B 69 13.08 -19.98 -15.54
N GLU B 70 13.35 -21.15 -14.99
CA GLU B 70 14.48 -21.89 -15.43
C GLU B 70 14.23 -22.41 -16.84
N ALA B 71 15.24 -22.31 -17.67
CA ALA B 71 15.01 -22.58 -19.07
C ALA B 71 16.23 -23.24 -19.70
N ILE B 72 16.07 -23.71 -20.94
CA ILE B 72 17.18 -24.24 -21.73
C ILE B 72 17.21 -23.52 -23.06
N ASN B 73 18.38 -23.08 -23.45
CA ASN B 73 18.55 -22.55 -24.81
C ASN B 73 18.64 -23.74 -25.71
N ILE B 74 17.68 -23.90 -26.61
CA ILE B 74 17.62 -25.10 -27.46
C ILE B 74 18.65 -25.10 -28.58
N THR B 75 19.40 -24.03 -28.75
CA THR B 75 20.41 -24.05 -29.79
C THR B 75 21.74 -24.49 -29.26
N ASN B 76 21.98 -24.39 -27.97
CA ASN B 76 23.26 -24.83 -27.44
C ASN B 76 23.13 -25.61 -26.15
N ASN B 77 21.92 -25.90 -25.74
CA ASN B 77 21.58 -26.71 -24.57
C ASN B 77 22.09 -26.12 -23.26
N GLU B 78 22.30 -24.82 -23.22
CA GLU B 78 22.70 -24.14 -21.98
C GLU B 78 21.48 -23.92 -21.04
N ARG B 79 21.66 -24.24 -19.75
CA ARG B 79 20.64 -23.92 -18.77
C ARG B 79 20.80 -22.44 -18.43
N VAL B 80 19.68 -21.70 -18.42
CA VAL B 80 19.61 -20.28 -18.18
C VAL B 80 18.36 -19.99 -17.37
N VAL B 81 18.16 -18.69 -17.04
CA VAL B 81 16.93 -18.21 -16.43
C VAL B 81 16.35 -17.14 -17.32
N VAL B 82 15.04 -17.20 -17.55
CA VAL B 82 14.32 -16.21 -18.36
C VAL B 82 13.40 -15.44 -17.44
N LYS B 83 13.51 -14.12 -17.44
CA LYS B 83 12.64 -13.22 -16.69
C LYS B 83 11.76 -12.49 -17.68
N ILE B 84 10.48 -12.79 -17.66
CA ILE B 84 9.54 -12.10 -18.52
C ILE B 84 9.24 -10.74 -17.89
N LEU B 85 9.48 -9.67 -18.63
CA LEU B 85 9.36 -8.33 -18.05
C LEU B 85 7.90 -7.93 -17.85
N LYS B 86 7.58 -7.55 -16.60
CA LYS B 86 6.23 -7.16 -16.27
C LYS B 86 5.91 -5.83 -16.97
N PRO B 87 4.64 -5.62 -17.43
CA PRO B 87 4.35 -4.42 -18.22
C PRO B 87 4.98 -3.22 -17.54
N VAL B 88 5.75 -2.45 -18.30
CA VAL B 88 6.56 -1.42 -17.67
C VAL B 88 6.99 -0.48 -18.76
N LYS B 89 7.40 0.71 -18.34
CA LYS B 89 7.84 1.73 -19.28
C LYS B 89 9.11 1.28 -19.97
N LYS B 90 9.24 1.63 -21.24
CA LYS B 90 10.45 1.28 -21.99
C LYS B 90 11.70 1.88 -21.36
N LYS B 91 11.57 3.06 -20.74
CA LYS B 91 12.70 3.70 -20.11
C LYS B 91 13.29 2.83 -18.99
N LYS B 92 12.46 2.11 -18.23
CA LYS B 92 13.03 1.32 -17.18
C LYS B 92 13.65 0.05 -17.73
N ILE B 93 13.11 -0.48 -18.83
CA ILE B 93 13.73 -1.63 -19.43
C ILE B 93 15.10 -1.25 -19.95
N LYS B 94 15.18 -0.15 -20.67
CA LYS B 94 16.47 0.28 -21.17
C LYS B 94 17.44 0.45 -20.03
N ARG B 95 16.98 1.06 -18.94
CA ARG B 95 17.85 1.26 -17.79
C ARG B 95 18.41 -0.06 -17.28
N GLU B 96 17.55 -1.06 -17.03
CA GLU B 96 18.04 -2.30 -16.47
C GLU B 96 18.99 -2.98 -17.43
N VAL B 97 18.62 -3.02 -18.71
CA VAL B 97 19.48 -3.66 -19.70
C VAL B 97 20.84 -2.99 -19.77
N LYS B 98 20.85 -1.65 -19.87
CA LYS B 98 22.12 -0.97 -19.96
C LYS B 98 22.99 -1.20 -18.73
N ILE B 99 22.38 -1.19 -17.55
CA ILE B 99 23.12 -1.41 -16.33
C ILE B 99 23.72 -2.81 -16.34
N LEU B 100 22.90 -3.82 -16.70
CA LEU B 100 23.40 -5.18 -16.82
C LEU B 100 24.55 -5.30 -17.77
N GLU B 101 24.46 -4.65 -18.90
CA GLU B 101 25.55 -4.72 -19.85
C GLU B 101 26.81 -4.08 -19.31
N ASN B 102 26.67 -2.92 -18.67
CA ASN B 102 27.80 -2.23 -18.09
C ASN B 102 28.47 -3.07 -17.03
N LEU B 103 27.70 -3.87 -16.31
CA LEU B 103 28.23 -4.64 -15.22
C LEU B 103 28.63 -6.10 -15.59
N ARG B 104 28.44 -6.48 -16.86
CA ARG B 104 28.65 -7.87 -17.26
C ARG B 104 30.11 -8.26 -17.05
N GLY B 105 30.34 -9.44 -16.49
CA GLY B 105 31.71 -9.83 -16.15
C GLY B 105 32.21 -9.29 -14.81
N GLY B 106 31.45 -8.44 -14.16
CA GLY B 106 31.83 -8.01 -12.86
C GLY B 106 31.71 -9.11 -11.86
N THR B 107 32.48 -8.95 -10.79
CA THR B 107 32.56 -9.98 -9.76
C THR B 107 31.23 -10.22 -9.09
N ASN B 108 30.69 -11.41 -9.25
CA ASN B 108 29.50 -11.82 -8.50
C ASN B 108 28.24 -11.05 -8.90
N ILE B 109 28.25 -10.46 -10.05
CA ILE B 109 27.07 -9.83 -10.62
C ILE B 109 26.43 -10.79 -11.62
N ILE B 110 25.12 -10.97 -11.53
CA ILE B 110 24.45 -11.88 -12.47
C ILE B 110 24.72 -11.47 -13.89
N LYS B 111 25.02 -12.46 -14.77
CA LYS B 111 25.36 -12.15 -16.16
C LYS B 111 24.12 -12.18 -17.04
N LEU B 112 23.84 -11.05 -17.75
CA LEU B 112 22.79 -11.01 -18.75
C LEU B 112 23.34 -11.64 -20.02
N ILE B 113 22.62 -12.63 -20.53
CA ILE B 113 23.03 -13.44 -21.66
C ILE B 113 22.31 -13.03 -22.93
N ASP B 114 21.05 -12.60 -22.82
CA ASP B 114 20.25 -12.34 -24.00
C ASP B 114 19.09 -11.44 -23.62
N THR B 115 18.55 -10.82 -24.67
CA THR B 115 17.37 -9.98 -24.61
C THR B 115 16.45 -10.45 -25.74
N VAL B 116 15.26 -10.97 -25.40
CA VAL B 116 14.40 -11.62 -26.38
C VAL B 116 12.94 -11.19 -26.18
N LYS B 117 12.15 -11.47 -27.19
CA LYS B 117 10.71 -11.23 -27.18
C LYS B 117 9.98 -12.48 -27.60
N ASP B 118 8.86 -12.77 -26.92
CA ASP B 118 7.95 -13.75 -27.45
C ASP B 118 7.48 -13.31 -28.83
N PRO B 119 7.57 -14.17 -29.83
CA PRO B 119 7.23 -13.73 -31.18
C PRO B 119 5.74 -13.51 -31.40
N VAL B 120 4.87 -13.96 -30.48
CA VAL B 120 3.42 -13.74 -30.57
C VAL B 120 3.02 -12.50 -29.80
N SER B 121 3.29 -12.51 -28.49
CA SER B 121 2.91 -11.40 -27.64
C SER B 121 3.79 -10.19 -27.80
N LYS B 122 5.03 -10.38 -28.28
CA LYS B 122 6.08 -9.36 -28.34
C LYS B 122 6.50 -8.87 -26.95
N THR B 123 6.18 -9.62 -25.93
CA THR B 123 6.59 -9.22 -24.61
C THR B 123 8.09 -9.41 -24.44
N PRO B 124 8.79 -8.42 -23.92
CA PRO B 124 10.24 -8.58 -23.76
C PRO B 124 10.61 -9.39 -22.52
N ALA B 125 11.79 -10.01 -22.59
CA ALA B 125 12.29 -10.88 -21.54
C ALA B 125 13.79 -10.80 -21.52
N LEU B 126 14.34 -11.02 -20.34
CA LEU B 126 15.78 -11.04 -20.12
C LEU B 126 16.23 -12.45 -19.83
N VAL B 127 17.37 -12.82 -20.36
CA VAL B 127 17.95 -14.15 -20.18
C VAL B 127 19.23 -13.99 -19.39
N PHE B 128 19.32 -14.73 -18.31
CA PHE B 128 20.45 -14.68 -17.39
C PHE B 128 21.13 -16.04 -17.25
N GLU B 129 22.36 -16.00 -16.77
CA GLU B 129 23.04 -17.24 -16.37
C GLU B 129 22.27 -17.92 -15.25
N TYR B 130 22.33 -19.25 -15.24
CA TYR B 130 21.76 -20.03 -14.18
C TYR B 130 22.64 -20.15 -12.93
N ILE B 131 22.00 -20.04 -11.78
N ILE B 131 22.02 -20.10 -11.76
CA ILE B 131 22.58 -20.38 -10.49
CA ILE B 131 22.72 -20.41 -10.51
C ILE B 131 21.67 -21.37 -9.77
C ILE B 131 21.79 -21.24 -9.63
N ASN B 132 22.28 -22.41 -9.21
CA ASN B 132 21.53 -23.41 -8.41
C ASN B 132 21.42 -22.89 -6.98
N ASN B 133 20.45 -22.00 -6.75
CA ASN B 133 20.32 -21.29 -5.47
C ASN B 133 19.67 -22.14 -4.38
N THR B 134 20.12 -21.93 -3.15
CA THR B 134 19.45 -22.38 -1.95
C THR B 134 18.61 -21.24 -1.39
N ASP B 135 17.31 -21.46 -1.19
CA ASP B 135 16.40 -20.46 -0.64
C ASP B 135 16.95 -19.92 0.68
N PHE B 136 16.95 -18.57 0.84
CA PHE B 136 17.62 -17.99 2.02
C PHE B 136 16.96 -18.39 3.33
N LYS B 137 15.67 -18.65 3.34
CA LYS B 137 15.07 -19.06 4.59
C LYS B 137 15.62 -20.42 5.04
N GLN B 138 15.93 -21.31 4.11
CA GLN B 138 16.56 -22.56 4.54
C GLN B 138 18.05 -22.36 4.84
N LEU B 139 18.73 -21.65 3.96
CA LEU B 139 20.16 -21.47 4.08
C LEU B 139 20.52 -20.78 5.38
N TYR B 140 19.83 -19.67 5.69
CA TYR B 140 20.28 -18.90 6.85
C TYR B 140 20.18 -19.70 8.14
N GLN B 141 19.42 -20.78 8.16
CA GLN B 141 19.36 -21.60 9.37
C GLN B 141 20.59 -22.45 9.59
N ILE B 142 21.38 -22.72 8.56
CA ILE B 142 22.49 -23.64 8.68
C ILE B 142 23.83 -22.97 8.50
N LEU B 143 23.85 -21.67 8.31
CA LEU B 143 25.13 -20.99 8.14
C LEU B 143 25.90 -21.00 9.45
N THR B 144 27.20 -21.17 9.32
CA THR B 144 28.17 -20.96 10.39
C THR B 144 28.71 -19.53 10.32
N ASP B 145 29.46 -19.16 11.36
CA ASP B 145 30.16 -17.87 11.38
C ASP B 145 31.03 -17.67 10.13
N PHE B 146 31.86 -18.67 9.83
CA PHE B 146 32.69 -18.60 8.65
C PHE B 146 31.84 -18.42 7.38
N ASP B 147 30.71 -19.14 7.27
CA ASP B 147 29.86 -19.02 6.08
C ASP B 147 29.39 -17.57 5.88
N ILE B 148 28.94 -16.95 6.96
CA ILE B 148 28.41 -15.61 6.89
C ILE B 148 29.52 -14.66 6.46
N ARG B 149 30.71 -14.81 7.06
CA ARG B 149 31.86 -13.98 6.63
C ARG B 149 32.13 -14.15 5.15
N PHE B 150 32.13 -15.43 4.72
CA PHE B 150 32.46 -15.73 3.33
C PHE B 150 31.45 -15.07 2.37
N TYR B 151 30.18 -15.31 2.61
CA TYR B 151 29.18 -14.80 1.70
C TYR B 151 29.02 -13.29 1.75
N MET B 152 29.14 -12.69 2.95
CA MET B 152 29.16 -11.23 3.01
C MET B 152 30.33 -10.65 2.23
N TYR B 153 31.48 -11.29 2.32
CA TYR B 153 32.63 -10.79 1.57
C TYR B 153 32.36 -10.84 0.07
N GLU B 154 31.75 -11.95 -0.37
CA GLU B 154 31.41 -12.08 -1.75
C GLU B 154 30.42 -10.99 -2.18
N LEU B 155 29.41 -10.73 -1.35
CA LEU B 155 28.45 -9.72 -1.71
C LEU B 155 29.09 -8.34 -1.76
N LEU B 156 30.01 -8.08 -0.84
CA LEU B 156 30.74 -6.83 -0.84
C LEU B 156 31.52 -6.65 -2.14
N LYS B 157 32.10 -7.76 -2.66
CA LYS B 157 32.80 -7.65 -3.93
C LYS B 157 31.86 -7.16 -5.01
N ALA B 158 30.61 -7.65 -5.00
CA ALA B 158 29.65 -7.27 -6.03
C ALA B 158 29.30 -5.78 -5.88
N LEU B 159 29.13 -5.33 -4.64
CA LEU B 159 28.76 -3.96 -4.39
C LEU B 159 29.92 -3.01 -4.68
N ASP B 160 31.18 -3.35 -4.27
CA ASP B 160 32.27 -2.49 -4.65
C ASP B 160 32.35 -2.41 -6.17
N TYR B 161 32.13 -3.53 -6.86
CA TYR B 161 32.21 -3.45 -8.31
C TYR B 161 31.16 -2.52 -8.88
N CYS B 162 29.91 -2.74 -8.54
CA CYS B 162 28.87 -1.89 -9.11
C CYS B 162 29.01 -0.42 -8.73
N HIS B 163 29.38 -0.15 -7.49
CA HIS B 163 29.59 1.23 -7.10
C HIS B 163 30.72 1.87 -7.94
N SER B 164 31.83 1.12 -8.17
CA SER B 164 32.93 1.60 -8.98
C SER B 164 32.48 1.85 -10.37
N LYS B 165 31.47 1.11 -10.80
CA LYS B 165 30.87 1.25 -12.10
C LYS B 165 29.77 2.31 -12.14
N GLY B 166 29.68 3.11 -11.10
CA GLY B 166 28.73 4.22 -11.08
C GLY B 166 27.29 3.85 -10.87
N ILE B 167 27.02 2.71 -10.29
CA ILE B 167 25.67 2.19 -10.17
C ILE B 167 25.32 1.91 -8.72
N MET B 168 24.12 2.31 -8.28
CA MET B 168 23.54 1.94 -7.00
C MET B 168 22.54 0.83 -7.29
N HIS B 169 22.57 -0.24 -6.51
CA HIS B 169 21.62 -1.32 -6.74
C HIS B 169 20.21 -0.95 -6.26
N ARG B 170 20.13 -0.42 -5.04
CA ARG B 170 18.91 0.13 -4.45
C ARG B 170 17.86 -0.93 -4.10
N ASP B 171 18.20 -2.22 -4.09
CA ASP B 171 17.23 -3.21 -3.67
C ASP B 171 17.97 -4.42 -3.10
N VAL B 172 19.03 -4.16 -2.30
CA VAL B 172 19.79 -5.22 -1.67
C VAL B 172 18.95 -5.83 -0.55
N LYS B 173 18.80 -7.14 -0.60
CA LYS B 173 18.03 -7.90 0.36
C LYS B 173 18.29 -9.39 0.10
N PRO B 174 17.99 -10.26 1.06
CA PRO B 174 18.33 -11.67 0.87
C PRO B 174 17.73 -12.29 -0.38
N HIS B 175 16.49 -11.91 -0.74
CA HIS B 175 15.86 -12.50 -1.92
C HIS B 175 16.60 -12.11 -3.21
N ASN B 176 17.41 -11.07 -3.19
CA ASN B 176 18.15 -10.68 -4.37
C ASN B 176 19.63 -11.11 -4.36
N VAL B 177 19.98 -12.03 -3.49
CA VAL B 177 21.32 -12.56 -3.37
C VAL B 177 21.21 -14.07 -3.55
N MET B 178 21.50 -14.55 -4.74
N MET B 178 21.61 -14.56 -4.71
CA MET B 178 21.48 -15.98 -5.02
CA MET B 178 21.52 -16.00 -5.02
C MET B 178 22.78 -16.61 -4.52
C MET B 178 22.81 -16.70 -4.65
N ILE B 179 22.67 -17.74 -3.83
CA ILE B 179 23.82 -18.46 -3.32
C ILE B 179 23.66 -19.93 -3.66
N ASP B 180 24.66 -20.49 -4.31
CA ASP B 180 24.82 -21.94 -4.50
C ASP B 180 25.78 -22.38 -3.42
N HIS B 181 25.21 -22.96 -2.39
CA HIS B 181 25.98 -23.30 -1.23
C HIS B 181 26.83 -24.55 -1.41
N GLN B 182 26.63 -25.32 -2.49
CA GLN B 182 27.53 -26.43 -2.81
C GLN B 182 28.78 -25.96 -3.55
N GLN B 183 28.61 -25.11 -4.53
CA GLN B 183 29.74 -24.59 -5.33
C GLN B 183 30.32 -23.31 -4.75
N LYS B 184 29.69 -22.76 -3.71
CA LYS B 184 30.16 -21.56 -3.03
C LYS B 184 30.24 -20.39 -4.03
N LYS B 185 29.15 -20.22 -4.76
CA LYS B 185 28.97 -19.14 -5.72
C LYS B 185 27.85 -18.22 -5.22
N LEU B 186 28.04 -16.95 -5.45
CA LEU B 186 27.07 -15.92 -5.09
C LEU B 186 26.87 -14.97 -6.26
N ARG B 187 25.60 -14.60 -6.51
CA ARG B 187 25.27 -13.56 -7.49
C ARG B 187 24.25 -12.59 -6.95
N LEU B 188 24.55 -11.34 -7.12
CA LEU B 188 23.62 -10.26 -6.88
C LEU B 188 22.72 -10.05 -8.10
N ILE B 189 21.42 -10.21 -7.88
CA ILE B 189 20.44 -10.23 -8.94
C ILE B 189 19.45 -9.06 -8.83
N ASP B 190 18.53 -8.99 -9.79
CA ASP B 190 17.41 -8.07 -9.86
C ASP B 190 17.86 -6.64 -9.75
N TRP B 191 18.33 -6.16 -10.90
CA TRP B 191 18.84 -4.83 -11.16
C TRP B 191 17.75 -3.87 -11.66
N GLY B 192 16.47 -4.24 -11.51
CA GLY B 192 15.40 -3.39 -12.01
C GLY B 192 15.18 -2.09 -11.25
N LEU B 193 15.72 -1.97 -10.05
CA LEU B 193 15.62 -0.71 -9.32
C LEU B 193 16.92 0.07 -9.36
N ALA B 194 17.94 -0.48 -9.97
CA ALA B 194 19.26 0.16 -9.95
C ALA B 194 19.26 1.43 -10.76
N GLU B 195 20.22 2.33 -10.42
CA GLU B 195 20.32 3.61 -11.09
C GLU B 195 21.76 4.08 -11.14
N PHE B 196 22.07 4.97 -12.07
CA PHE B 196 23.37 5.55 -12.14
C PHE B 196 23.50 6.72 -11.18
N TYR B 197 24.63 6.76 -10.46
CA TYR B 197 24.92 7.82 -9.51
C TYR B 197 25.53 9.02 -10.22
N HIS B 198 24.95 10.21 -10.01
CA HIS B 198 25.47 11.46 -10.52
C HIS B 198 25.44 12.44 -9.35
N PRO B 199 26.55 13.10 -9.06
CA PRO B 199 26.59 14.08 -7.96
C PRO B 199 25.50 15.11 -8.04
N ALA B 200 24.87 15.34 -6.90
CA ALA B 200 23.83 16.32 -6.73
C ALA B 200 22.48 15.89 -7.33
N GLN B 201 22.37 14.72 -7.92
CA GLN B 201 21.09 14.31 -8.47
C GLN B 201 20.15 13.95 -7.33
N GLU B 202 18.88 14.32 -7.49
CA GLU B 202 17.85 13.92 -6.56
C GLU B 202 17.12 12.68 -7.06
N TYR B 203 17.06 11.65 -6.23
CA TYR B 203 16.58 10.35 -6.61
C TYR B 203 15.24 10.13 -5.94
N ASN B 204 14.45 9.22 -6.54
CA ASN B 204 13.21 8.77 -5.92
C ASN B 204 13.53 7.97 -4.65
N VAL B 205 12.86 8.30 -3.53
CA VAL B 205 13.07 7.56 -2.28
C VAL B 205 12.21 6.31 -2.18
N ARG B 206 11.33 6.09 -3.16
CA ARG B 206 10.49 4.88 -3.14
C ARG B 206 11.23 3.72 -3.84
N VAL B 207 12.29 3.28 -3.16
CA VAL B 207 13.13 2.16 -3.59
C VAL B 207 13.42 1.29 -2.35
N ALA B 208 13.92 0.06 -2.61
CA ALA B 208 14.20 -0.94 -1.61
C ALA B 208 12.95 -1.51 -0.93
N SER B 209 13.08 -2.69 -0.39
CA SER B 209 12.04 -3.27 0.46
C SER B 209 12.03 -2.53 1.76
N ARG B 210 10.82 -2.40 2.35
CA ARG B 210 10.65 -1.61 3.58
C ARG B 210 11.74 -1.91 4.60
N TYR B 211 12.03 -3.17 4.84
CA TYR B 211 12.89 -3.57 5.94
C TYR B 211 14.35 -3.20 5.70
N PHE B 212 14.69 -2.92 4.44
CA PHE B 212 16.04 -2.62 4.02
C PHE B 212 16.22 -1.16 3.65
N LYS B 213 15.18 -0.35 3.82
CA LYS B 213 15.26 1.07 3.50
C LYS B 213 16.17 1.78 4.47
N GLY B 214 17.09 2.59 3.97
CA GLY B 214 17.90 3.40 4.86
C GLY B 214 17.14 4.57 5.39
N PRO B 215 17.61 5.12 6.51
CA PRO B 215 16.97 6.32 7.07
C PRO B 215 16.77 7.43 6.09
N GLU B 216 17.74 7.62 5.20
CA GLU B 216 17.59 8.68 4.20
C GLU B 216 16.32 8.53 3.39
N LEU B 217 15.92 7.29 3.09
CA LEU B 217 14.69 7.11 2.35
C LEU B 217 13.48 7.40 3.22
N LEU B 218 13.56 7.02 4.47
CA LEU B 218 12.43 7.14 5.36
C LEU B 218 12.15 8.57 5.81
N VAL B 219 13.12 9.47 5.66
CA VAL B 219 12.96 10.90 5.96
C VAL B 219 12.91 11.74 4.68
N ASP B 220 12.85 11.10 3.51
CA ASP B 220 12.65 11.77 2.22
C ASP B 220 13.87 12.61 1.81
N TYR B 221 15.06 12.15 2.11
CA TYR B 221 16.28 12.81 1.65
C TYR B 221 16.68 12.20 0.31
N GLN B 222 16.57 12.99 -0.77
CA GLN B 222 16.69 12.49 -2.11
C GLN B 222 18.11 12.48 -2.65
N MET B 223 19.05 13.18 -2.01
CA MET B 223 20.40 13.28 -2.55
C MET B 223 21.27 12.18 -1.98
N TYR B 224 20.78 10.94 -2.12
CA TYR B 224 21.48 9.77 -1.57
C TYR B 224 22.42 9.17 -2.61
N ASP B 225 23.16 8.13 -2.20
CA ASP B 225 24.21 7.61 -3.07
C ASP B 225 24.42 6.12 -2.80
N TYR B 226 25.58 5.58 -3.20
CA TYR B 226 25.91 4.15 -3.05
C TYR B 226 25.80 3.68 -1.60
N SER B 227 25.98 4.60 -0.67
CA SER B 227 25.89 4.25 0.76
C SER B 227 24.51 3.69 1.17
N LEU B 228 23.48 3.98 0.37
CA LEU B 228 22.19 3.36 0.60
C LEU B 228 22.34 1.82 0.66
N ASP B 229 23.11 1.27 -0.25
CA ASP B 229 23.28 -0.18 -0.34
C ASP B 229 24.00 -0.74 0.86
N MET B 230 24.89 0.09 1.50
CA MET B 230 25.61 -0.37 2.68
C MET B 230 24.68 -0.46 3.89
N TRP B 231 23.67 0.42 3.97
CA TRP B 231 22.64 0.27 5.01
C TRP B 231 21.97 -1.07 4.82
N SER B 232 21.48 -1.32 3.63
CA SER B 232 20.78 -2.58 3.31
C SER B 232 21.66 -3.79 3.64
N LEU B 233 22.93 -3.70 3.28
CA LEU B 233 23.85 -4.81 3.60
C LEU B 233 23.96 -5.00 5.12
N GLY B 234 24.06 -3.89 5.87
CA GLY B 234 24.10 -4.01 7.31
C GLY B 234 22.87 -4.67 7.88
N CYS B 235 21.68 -4.34 7.31
CA CYS B 235 20.45 -5.01 7.71
C CYS B 235 20.54 -6.51 7.51
N MET B 236 21.11 -6.92 6.41
CA MET B 236 21.34 -8.34 6.16
C MET B 236 22.32 -8.96 7.13
N LEU B 237 23.45 -8.27 7.37
CA LEU B 237 24.43 -8.82 8.30
C LEU B 237 23.76 -9.03 9.66
N ALA B 238 22.99 -8.01 10.12
CA ALA B 238 22.34 -8.12 11.41
C ALA B 238 21.43 -9.35 11.47
N SER B 239 20.64 -9.56 10.42
CA SER B 239 19.73 -10.67 10.42
C SER B 239 20.46 -12.01 10.41
N MET B 240 21.63 -12.07 9.76
CA MET B 240 22.34 -13.35 9.70
C MET B 240 23.02 -13.68 11.03
N ILE B 241 23.69 -12.68 11.64
CA ILE B 241 24.41 -12.97 12.85
C ILE B 241 23.44 -13.10 14.03
N PHE B 242 22.31 -12.35 14.04
CA PHE B 242 21.40 -12.42 15.18
C PHE B 242 20.24 -13.38 15.02
N ARG B 243 20.00 -13.80 13.81
CA ARG B 243 18.93 -14.70 13.49
C ARG B 243 17.56 -14.07 13.73
N ARG B 244 17.43 -12.79 13.61
CA ARG B 244 16.16 -12.06 13.52
C ARG B 244 16.03 -11.52 12.12
N GLU B 245 15.14 -12.15 11.34
CA GLU B 245 15.03 -11.87 9.91
C GLU B 245 13.58 -11.54 9.56
N PRO B 246 13.30 -10.38 8.97
CA PRO B 246 14.21 -9.24 8.82
C PRO B 246 14.52 -8.62 10.22
N PHE B 247 15.61 -7.88 10.25
CA PHE B 247 16.13 -7.34 11.50
C PHE B 247 15.29 -6.18 12.04
N PHE B 248 14.92 -5.28 11.17
CA PHE B 248 14.08 -4.11 11.50
C PHE B 248 12.74 -4.37 10.80
N HIS B 249 11.74 -4.82 11.54
CA HIS B 249 10.54 -5.33 10.95
C HIS B 249 9.42 -4.32 11.11
N GLY B 250 9.49 -3.24 10.35
CA GLY B 250 8.44 -2.25 10.39
C GLY B 250 7.14 -2.74 9.78
N GLN B 251 6.05 -2.18 10.27
CA GLN B 251 4.71 -2.48 9.77
C GLN B 251 4.30 -1.55 8.66
N ASP B 252 5.02 -0.46 8.54
CA ASP B 252 4.80 0.55 7.52
C ASP B 252 6.02 1.44 7.57
N ASN B 253 6.09 2.41 6.67
CA ASN B 253 7.32 3.17 6.58
C ASN B 253 7.56 4.05 7.80
N TYR B 254 6.50 4.50 8.46
CA TYR B 254 6.68 5.29 9.67
C TYR B 254 7.22 4.42 10.81
N ASP B 255 6.61 3.25 10.97
CA ASP B 255 7.06 2.35 12.00
C ASP B 255 8.46 1.85 11.69
N GLN B 256 8.84 1.78 10.41
CA GLN B 256 10.19 1.35 10.08
C GLN B 256 11.22 2.27 10.70
N LEU B 257 10.99 3.59 10.61
CA LEU B 257 11.94 4.52 11.21
C LEU B 257 11.93 4.40 12.74
N VAL B 258 10.76 4.18 13.33
CA VAL B 258 10.69 3.99 14.78
C VAL B 258 11.53 2.78 15.21
N ARG B 259 11.41 1.66 14.49
CA ARG B 259 12.17 0.46 14.82
C ARG B 259 13.65 0.73 14.79
N ILE B 260 14.11 1.52 13.82
CA ILE B 260 15.51 1.85 13.72
C ILE B 260 15.91 2.73 14.88
N ALA B 261 15.09 3.75 15.16
CA ALA B 261 15.38 4.67 16.26
C ALA B 261 15.42 3.98 17.61
N LYS B 262 14.61 2.95 17.80
CA LYS B 262 14.67 2.28 19.11
C LYS B 262 16.00 1.54 19.33
N VAL B 263 16.79 1.34 18.28
CA VAL B 263 18.07 0.71 18.40
C VAL B 263 19.17 1.73 18.34
N LEU B 264 19.14 2.57 17.32
CA LEU B 264 20.22 3.52 17.11
C LEU B 264 20.08 4.79 17.98
N GLY B 265 18.90 5.02 18.55
CA GLY B 265 18.67 6.15 19.43
C GLY B 265 18.04 7.34 18.74
N THR B 266 17.22 8.07 19.49
CA THR B 266 16.52 9.22 18.91
C THR B 266 17.38 10.49 18.90
N GLU B 267 18.21 10.71 19.92
CA GLU B 267 19.08 11.87 19.90
C GLU B 267 20.06 11.79 18.72
N GLU B 268 20.51 10.58 18.41
CA GLU B 268 21.38 10.35 17.27
C GLU B 268 20.63 10.58 15.95
N LEU B 269 19.35 10.18 15.87
CA LEU B 269 18.53 10.51 14.70
C LEU B 269 18.47 12.00 14.49
N TYR B 270 18.15 12.76 15.54
CA TYR B 270 17.99 14.20 15.36
C TYR B 270 19.32 14.88 14.97
N GLY B 271 20.45 14.34 15.45
CA GLY B 271 21.74 14.91 15.04
C GLY B 271 21.99 14.72 13.57
N TYR B 272 21.59 13.57 13.03
CA TYR B 272 21.69 13.33 11.59
C TYR B 272 20.81 14.30 10.81
N LEU B 273 19.53 14.40 11.20
CA LEU B 273 18.63 15.32 10.50
C LEU B 273 19.06 16.78 10.60
N LYS B 274 19.65 17.18 11.72
CA LYS B 274 20.20 18.51 11.84
C LYS B 274 21.32 18.74 10.82
N LYS B 275 22.26 17.81 10.70
CA LYS B 275 23.36 17.96 9.75
C LYS B 275 22.87 18.24 8.36
N TYR B 276 21.83 17.54 7.92
CA TYR B 276 21.33 17.61 6.55
C TYR B 276 20.12 18.56 6.41
N HIS B 277 19.78 19.29 7.46
CA HIS B 277 18.68 20.24 7.44
C HIS B 277 17.39 19.59 7.00
N ILE B 278 17.12 18.40 7.57
CA ILE B 278 15.93 17.62 7.28
C ILE B 278 14.90 17.86 8.36
N ASP B 279 13.71 18.26 7.95
CA ASP B 279 12.59 18.47 8.84
C ASP B 279 11.71 17.25 8.84
N LEU B 280 11.34 16.76 10.02
CA LEU B 280 10.29 15.76 10.14
C LEU B 280 8.95 16.37 10.52
N ASP B 281 7.88 15.72 10.04
CA ASP B 281 6.54 16.17 10.33
C ASP B 281 6.22 16.00 11.81
N PRO B 282 5.36 16.85 12.37
CA PRO B 282 4.97 16.68 13.78
C PRO B 282 4.39 15.31 14.10
N HIS B 283 3.69 14.67 13.18
CA HIS B 283 3.19 13.34 13.51
C HIS B 283 4.34 12.42 13.88
N PHE B 284 5.50 12.63 13.29
CA PHE B 284 6.61 11.72 13.52
C PHE B 284 7.23 11.98 14.87
N ASN B 285 7.59 13.25 15.12
CA ASN B 285 8.28 13.59 16.34
C ASN B 285 7.56 13.03 17.53
N ASP B 286 6.25 12.77 17.39
CA ASP B 286 5.47 12.08 18.41
C ASP B 286 5.79 10.58 18.48
N ILE B 287 5.41 9.80 17.47
CA ILE B 287 5.52 8.34 17.60
C ILE B 287 6.96 7.84 17.77
N LEU B 288 7.97 8.68 17.50
CA LEU B 288 9.35 8.27 17.70
C LEU B 288 9.67 8.21 19.18
N GLY B 289 9.16 9.18 19.92
CA GLY B 289 9.42 9.24 21.35
C GLY B 289 10.89 9.54 21.65
N GLN B 290 11.35 8.96 22.76
CA GLN B 290 12.74 9.11 23.16
C GLN B 290 13.30 7.75 23.45
N HIS B 291 14.42 7.44 22.82
CA HIS B 291 15.08 6.14 22.98
C HIS B 291 16.58 6.29 23.08
N SER B 292 17.17 5.62 24.06
CA SER B 292 18.61 5.61 24.09
C SER B 292 19.16 4.63 23.05
N ARG B 293 20.36 4.90 22.59
CA ARG B 293 21.05 3.95 21.73
C ARG B 293 21.33 2.67 22.51
N LYS B 294 21.10 1.54 21.84
CA LYS B 294 21.31 0.26 22.47
C LYS B 294 22.68 -0.28 22.09
N ARG B 295 23.29 -1.00 23.00
CA ARG B 295 24.47 -1.76 22.63
C ARG B 295 24.09 -2.97 21.80
N TRP B 296 24.92 -3.26 20.80
CA TRP B 296 24.61 -4.39 19.91
C TRP B 296 24.62 -5.69 20.67
N GLU B 297 25.39 -5.77 21.75
CA GLU B 297 25.45 -6.97 22.57
C GLU B 297 24.10 -7.34 23.16
N ASN B 298 23.17 -6.38 23.27
CA ASN B 298 21.83 -6.69 23.77
C ASN B 298 21.10 -7.70 22.90
N PHE B 299 21.52 -7.91 21.67
CA PHE B 299 20.79 -8.83 20.78
C PHE B 299 21.35 -10.23 20.79
N ILE B 300 22.40 -10.51 21.59
CA ILE B 300 23.01 -11.83 21.71
C ILE B 300 22.19 -12.65 22.69
N HIS B 301 21.92 -13.90 22.29
CA HIS B 301 21.37 -14.85 23.25
C HIS B 301 21.80 -16.27 22.84
N SER B 302 21.29 -17.31 23.49
CA SER B 302 21.90 -18.60 23.25
C SER B 302 21.70 -19.08 21.82
N GLU B 303 20.66 -18.61 21.13
CA GLU B 303 20.39 -19.06 19.77
C GLU B 303 21.31 -18.48 18.71
N ASN B 304 22.06 -17.41 19.01
CA ASN B 304 22.89 -16.76 18.02
C ASN B 304 24.31 -16.53 18.49
N ARG B 305 24.70 -16.94 19.68
CA ARG B 305 26.00 -16.56 20.24
C ARG B 305 27.15 -17.09 19.38
N HIS B 306 26.95 -18.26 18.75
CA HIS B 306 27.96 -18.89 17.92
C HIS B 306 28.14 -18.24 16.55
N LEU B 307 27.37 -17.21 16.25
CA LEU B 307 27.50 -16.44 15.04
C LEU B 307 27.97 -15.00 15.27
N VAL B 308 27.99 -14.55 16.49
CA VAL B 308 28.34 -13.20 16.87
C VAL B 308 29.76 -13.20 17.46
N SER B 309 30.49 -12.15 17.11
CA SER B 309 31.83 -11.90 17.62
C SER B 309 31.98 -10.39 17.81
N PRO B 310 33.01 -9.95 18.55
CA PRO B 310 33.24 -8.51 18.67
C PRO B 310 33.48 -7.89 17.33
N GLU B 311 34.22 -8.57 16.47
N GLU B 311 34.16 -8.61 16.44
CA GLU B 311 34.44 -8.04 15.12
CA GLU B 311 34.49 -8.06 15.11
C GLU B 311 33.13 -7.82 14.37
C GLU B 311 33.27 -7.94 14.20
N ALA B 312 32.27 -8.84 14.37
CA ALA B 312 31.01 -8.71 13.66
C ALA B 312 30.23 -7.49 14.15
N LEU B 313 30.24 -7.26 15.47
CA LEU B 313 29.50 -6.12 16.01
C LEU B 313 30.15 -4.81 15.64
N ASP B 314 31.47 -4.80 15.58
CA ASP B 314 32.17 -3.58 15.19
C ASP B 314 31.85 -3.20 13.74
N LEU B 315 31.88 -4.19 12.82
CA LEU B 315 31.48 -3.95 11.45
C LEU B 315 30.03 -3.48 11.37
N LEU B 316 29.14 -4.17 12.08
CA LEU B 316 27.73 -3.81 12.02
C LEU B 316 27.54 -2.36 12.45
N ASP B 317 28.22 -1.95 13.52
CA ASP B 317 28.06 -0.60 14.04
C ASP B 317 28.54 0.42 13.03
N LYS B 318 29.44 0.03 12.14
CA LYS B 318 30.00 0.96 11.14
C LYS B 318 29.23 0.97 9.83
N LEU B 319 28.28 0.05 9.69
CA LEU B 319 27.36 0.02 8.58
C LEU B 319 26.02 0.62 8.95
N LEU B 320 25.48 0.27 10.09
CA LEU B 320 24.17 0.76 10.46
C LEU B 320 24.33 2.08 11.20
N ARG B 321 24.61 3.12 10.43
CA ARG B 321 24.74 4.48 10.94
C ARG B 321 23.71 5.32 10.23
N TYR B 322 23.08 6.24 10.98
CA TYR B 322 22.14 7.10 10.30
C TYR B 322 22.82 7.86 9.18
N ASP B 323 23.97 8.47 9.47
CA ASP B 323 24.60 9.36 8.50
C ASP B 323 25.20 8.53 7.38
N HIS B 324 24.59 8.62 6.22
CA HIS B 324 25.02 7.82 5.09
C HIS B 324 26.47 8.10 4.73
N GLN B 325 26.95 9.31 4.96
CA GLN B 325 28.33 9.67 4.65
C GLN B 325 29.33 9.02 5.58
N GLN B 326 28.89 8.57 6.74
CA GLN B 326 29.80 7.98 7.72
C GLN B 326 29.82 6.45 7.65
N ARG B 327 28.89 5.81 6.96
CA ARG B 327 28.92 4.37 6.74
C ARG B 327 30.20 3.97 6.01
N LEU B 328 30.71 2.78 6.33
CA LEU B 328 31.81 2.27 5.54
C LEU B 328 31.40 2.18 4.07
N THR B 329 32.37 2.38 3.17
CA THR B 329 32.21 1.99 1.79
C THR B 329 32.38 0.49 1.65
N ALA B 330 31.96 -0.06 0.52
CA ALA B 330 32.14 -1.49 0.33
C ALA B 330 33.60 -1.91 0.48
N LYS B 331 34.50 -1.17 -0.09
CA LYS B 331 35.91 -1.48 0.00
C LYS B 331 36.42 -1.37 1.42
N GLU B 332 36.03 -0.33 2.15
CA GLU B 332 36.44 -0.24 3.54
C GLU B 332 35.91 -1.43 4.36
N ALA B 333 34.67 -1.84 4.08
CA ALA B 333 34.09 -2.96 4.80
C ALA B 333 34.88 -4.25 4.52
N MET B 334 35.34 -4.41 3.26
CA MET B 334 36.10 -5.61 2.90
C MET B 334 37.41 -5.69 3.66
N GLU B 335 37.96 -4.56 4.10
CA GLU B 335 39.22 -4.48 4.83
C GLU B 335 39.04 -4.63 6.32
N HIS B 336 37.82 -4.84 6.76
CA HIS B 336 37.55 -4.94 8.19
C HIS B 336 38.07 -6.26 8.75
N PRO B 337 38.47 -6.30 10.02
CA PRO B 337 38.95 -7.56 10.62
C PRO B 337 37.98 -8.73 10.61
N TYR B 338 36.70 -8.48 10.58
CA TYR B 338 35.70 -9.55 10.47
C TYR B 338 35.99 -10.44 9.26
N PHE B 339 36.56 -9.89 8.19
CA PHE B 339 36.83 -10.69 7.01
C PHE B 339 38.21 -11.32 6.98
N TYR B 340 39.07 -11.09 7.98
CA TYR B 340 40.39 -11.71 7.97
C TYR B 340 40.36 -13.22 7.71
N PRO B 341 39.44 -13.99 8.27
CA PRO B 341 39.48 -15.44 7.96
C PRO B 341 39.20 -15.77 6.52
N VAL B 342 38.51 -14.91 5.74
N VAL B 342 38.41 -14.92 5.86
CA VAL B 342 38.15 -15.23 4.36
CA VAL B 342 38.06 -15.12 4.47
C VAL B 342 39.00 -14.49 3.33
C VAL B 342 39.23 -14.77 3.57
N VAL B 343 39.81 -13.56 3.76
CA VAL B 343 40.94 -13.12 2.94
C VAL B 343 42.07 -14.14 3.07
N LYS B 344 42.27 -14.71 4.30
CA LYS B 344 43.26 -15.76 4.54
C LYS B 344 42.87 -17.10 3.89
N GLU B 345 41.59 -17.50 3.95
N GLU B 345 41.58 -17.46 3.94
CA GLU B 345 41.19 -18.75 3.30
CA GLU B 345 41.10 -18.69 3.31
C GLU B 345 41.29 -18.67 1.77
C GLU B 345 41.30 -18.65 1.79
N GLN B 346 41.03 -17.50 1.17
CA GLN B 346 41.07 -17.41 -0.29
C GLN B 346 42.48 -17.42 -0.85
N SER B 347 43.48 -17.13 -0.01
CA SER B 347 44.91 -17.12 -0.42
C SER B 347 45.47 -18.53 -0.67
N ALA C 1 -50.62 18.16 3.95
CA ALA C 1 -49.82 16.97 3.74
C ALA C 1 -48.91 16.80 4.93
N SFE C 2 -49.08 15.57 5.63
O SFE C 2 -51.54 15.57 7.73
CZ SFE C 2 -45.40 12.10 5.99
CE2 SFE C 2 -46.38 12.43 5.02
CE1 SFE C 2 -45.37 12.78 7.20
CD2 SFE C 2 -47.31 13.44 5.26
CD1 SFE C 2 -46.33 13.81 7.43
CA SFE C 2 -49.28 14.64 7.85
C SFE C 2 -50.41 15.66 8.09
CG SFE C 2 -47.26 14.13 6.47
CB SFE C 2 -48.30 15.22 6.79
HN1 SFE C 2 -49.69 15.01 5.35
HB SFE C 2 -47.84 15.99 7.09
HA1C SFE C 2 -49.64 13.83 7.54
HA2C SFE C 2 -48.82 14.49 8.65
HD2 SFE C 2 -47.95 13.66 4.62
HE2 SFE C 2 -46.39 11.97 4.23
HD1 SFE C 2 -46.31 14.27 8.24
HE1 SFE C 2 -44.75 12.57 7.84
HZ SFE C 2 -44.79 11.43 5.82
N MET C 3 -49.91 16.78 8.86
CA MET C 3 -50.81 17.91 9.17
C MET C 3 -51.25 18.45 7.75
N VAL C 4 -52.62 18.88 7.65
CA VAL C 4 -53.16 19.43 6.42
C VAL C 4 -52.24 20.53 5.92
CG A1ICB C 5 -51.24 21.53 2.47
CB A1ICB C 5 -52.54 20.57 2.24
CA A1ICB C 5 -52.55 19.69 3.27
C A1ICB C 5 -51.72 18.44 3.04
C01 A1ICB C 5 -44.75 20.50 0.65
C02 A1ICB C 5 -46.06 19.84 0.22
C03 A1ICB C 5 -47.22 20.47 0.61
C04 A1ICB C 5 -48.45 19.96 0.26
C05 A1ICB C 5 -48.57 18.80 -0.45
C07 A1ICB C 5 -47.41 18.14 -0.81
C08 A1ICB C 5 -46.15 18.65 -0.49
C09 A1ICB C 5 -49.75 20.72 0.67
CD A1ICB C 5 -51.12 21.73 3.83
N11 A1ICB C 5 -50.02 20.84 2.07
N A1ICB C 5 -51.98 20.59 4.46
O10 A1ICB C 5 -50.53 21.14 -0.11
O A1ICB C 5 -51.97 17.70 2.15
CL06 A1ICB C 5 -50.18 18.07 -0.87
HG2 A1ICB C 5 -51.38 22.33 2.00
HB2 A1ICB C 5 -53.33 21.09 2.26
HB3 A1ICB C 5 -52.47 20.11 1.42
HA A1ICB C 5 -53.41 19.36 3.42
H011 A1ICB C 5 -44.14 19.85 0.92
H013 A1ICB C 5 -44.92 21.10 1.36
H012 A1ICB C 5 -44.39 20.99 -0.07
H031 A1ICB C 5 -47.17 21.24 1.14
H071 A1ICB C 5 -47.47 17.35 -1.28
H081 A1ICB C 5 -45.39 18.19 -0.72
HD3 A1ICB C 5 -51.46 22.57 4.07
HD2 A1ICB C 5 -50.23 21.65 4.10
H111 A1ICB C 5 -49.47 20.52 2.66
N NIO D . -31.60 13.00 5.88
C1 NIO D . -31.65 11.65 5.78
C2 NIO D . -31.96 10.97 4.59
C3 NIO D . -32.20 11.75 3.45
C4 NIO D . -32.14 13.14 3.55
C5 NIO D . -31.84 13.73 4.78
C6 NIO D . -31.93 9.44 4.56
O1 NIO D . -32.30 8.91 3.50
O2 NIO D . -31.49 8.85 5.57
H1 NIO D . -31.45 11.16 6.54
H3 NIO D . -32.39 11.34 2.64
H4 NIO D . -32.31 13.68 2.81
H5 NIO D . -31.79 14.64 4.86
C1 EDO E . 0.86 19.74 0.57
O1 EDO E . 1.55 18.52 0.56
C2 EDO E . -0.51 19.52 1.15
O2 EDO E . -0.47 19.14 2.53
H11 EDO E . 0.78 20.10 -0.33
H12 EDO E . 1.34 20.40 1.10
HO1 EDO E . 2.22 18.59 0.04
H21 EDO E . -0.94 18.85 0.60
H22 EDO E . -1.01 20.35 1.02
HO2 EDO E . 0.00 19.71 2.95
C1 EDO F . -20.96 11.24 -8.99
O1 EDO F . -20.58 12.57 -8.96
C2 EDO F . -21.29 10.71 -7.62
O2 EDO F . -20.40 11.19 -6.67
H11 EDO F . -20.26 10.69 -9.37
H12 EDO F . -21.75 11.12 -9.55
HO1 EDO F . -20.51 12.84 -9.76
H21 EDO F . -21.27 9.74 -7.67
H22 EDO F . -22.20 10.95 -7.43
HO2 EDO F . -20.28 12.02 -6.81
C1 EDO G . -13.84 -2.22 8.42
O1 EDO G . -13.43 -3.49 8.11
C2 EDO G . -14.05 -2.33 9.89
O2 EDO G . -14.11 -1.05 10.32
H11 EDO G . -14.65 -1.96 7.97
H12 EDO G . -13.18 -1.55 8.22
HO1 EDO G . -12.73 -3.67 8.56
H21 EDO G . -13.32 -2.84 10.28
H22 EDO G . -14.87 -2.83 10.06
HO2 EDO G . -14.23 -0.54 9.66
C1 EDO H . -12.96 21.73 8.46
O1 EDO H . -13.80 22.27 7.47
C2 EDO H . -12.54 22.81 9.40
O2 EDO H . -12.79 22.32 10.68
H11 EDO H . -12.16 21.34 8.05
H12 EDO H . -13.40 21.03 8.95
HO1 EDO H . -14.01 21.66 6.92
H21 EDO H . -13.04 23.62 9.20
H22 EDO H . -11.61 23.02 9.25
HO2 EDO H . -12.32 21.61 10.79
C1 EDO I . -17.73 -17.01 -6.81
O1 EDO I . -17.35 -15.77 -6.26
C2 EDO I . -16.73 -18.12 -6.52
O2 EDO I . -16.37 -18.19 -5.15
H11 EDO I . -17.83 -16.95 -7.78
H12 EDO I . -18.60 -17.28 -6.46
HO1 EDO I . -17.36 -15.85 -5.41
H21 EDO I . -15.97 -17.97 -7.08
H22 EDO I . -17.14 -18.95 -6.82
HO2 EDO I . -15.88 -18.88 -5.04
C1 EDO J . -30.39 -4.33 -0.37
O1 EDO J . -31.79 -4.18 -0.32
C2 EDO J . -30.10 -5.72 -0.82
O2 EDO J . -30.00 -6.58 0.25
H11 EDO J . -29.99 -4.20 0.51
H12 EDO J . -29.97 -3.70 -0.97
HO1 EDO J . -32.07 -4.13 -1.12
H21 EDO J . -29.27 -5.68 -1.35
H22 EDO J . -30.81 -5.97 -1.44
HO2 EDO J . -29.87 -6.11 0.95
CL CL K . -11.69 6.78 -14.45
N NIO L . 16.40 -14.78 -11.17
C1 NIO L . 16.13 -13.47 -11.32
C2 NIO L . 17.07 -12.59 -11.86
C3 NIO L . 18.31 -13.14 -12.24
C4 NIO L . 18.58 -14.50 -12.10
C5 NIO L . 17.59 -15.29 -11.55
C6 NIO L . 16.87 -11.05 -12.01
O1 NIO L . 17.91 -10.46 -12.21
O2 NIO L . 15.79 -10.49 -11.86
H1 NIO L . 15.30 -13.16 -11.06
H3 NIO L . 18.97 -12.59 -12.58
H4 NIO L . 19.40 -14.87 -12.36
H5 NIO L . 17.72 -16.21 -11.43
C1 EDO M . 32.19 -20.99 3.04
O1 EDO M . 32.65 -22.19 2.43
C2 EDO M . 30.81 -20.73 2.51
O2 EDO M . 30.00 -21.84 2.84
H11 EDO M . 32.76 -20.24 2.81
H12 EDO M . 32.17 -21.05 4.00
HO1 EDO M . 33.45 -22.31 2.65
H21 EDO M . 30.87 -20.57 1.56
H22 EDO M . 30.49 -19.91 2.91
HO2 EDO M . 29.23 -21.71 2.49
C1 EDO N . 17.48 16.08 -1.00
O1 EDO N . 17.63 17.26 -1.73
C2 EDO N . 16.32 16.25 -0.04
O2 EDO N . 15.10 15.72 -0.51
H11 EDO N . 18.28 15.86 -0.50
H12 EDO N . 17.30 15.32 -1.59
HO1 EDO N . 18.28 17.15 -2.27
H21 EDO N . 16.24 17.21 0.13
H22 EDO N . 16.59 15.84 0.80
HO2 EDO N . 14.84 16.19 -1.18
C1 EDO O . 30.84 -11.92 21.20
O1 EDO O . 29.76 -12.70 21.65
C2 EDO O . 30.42 -10.47 21.22
O2 EDO O . 30.68 -9.81 22.45
H11 EDO O . 31.10 -12.17 20.30
H12 EDO O . 31.62 -12.05 21.77
HO1 EDO O . 29.65 -12.52 22.48
H21 EDO O . 29.47 -10.47 21.01
H22 EDO O . 30.88 -10.05 20.48
HO2 EDO O . 30.22 -10.18 23.05
C1 EDO P . 25.70 18.61 4.82
O1 EDO P . 25.51 19.27 3.60
C2 EDO P . 26.81 17.59 4.68
O2 EDO P . 28.01 18.11 5.19
H11 EDO P . 24.89 18.15 5.12
H12 EDO P . 25.95 19.23 5.53
HO1 EDO P . 25.50 20.10 3.75
H21 EDO P . 26.87 17.37 3.74
H22 EDO P . 26.53 16.79 5.14
HO2 EDO P . 27.85 18.45 5.96
C1 EDO Q . 29.48 2.73 -0.77
O1 EDO Q . 29.46 4.01 -0.36
C2 EDO Q . 30.74 2.72 -1.56
O2 EDO Q . 30.99 1.43 -1.85
H11 EDO Q . 28.72 2.49 -1.32
H12 EDO Q . 29.52 2.09 -0.04
HO1 EDO Q . 30.21 4.18 0.00
H21 EDO Q . 31.44 3.13 -1.04
H22 EDO Q . 30.62 3.27 -2.35
HO2 EDO Q . 30.54 0.95 -1.31
C1 EDO R . 12.36 -14.71 7.78
O1 EDO R . 13.44 -15.33 7.15
C2 EDO R . 11.94 -15.58 8.92
O2 EDO R . 12.99 -15.91 9.83
H11 EDO R . 11.61 -14.58 7.17
H12 EDO R . 12.60 -13.83 8.12
HO1 EDO R . 13.73 -14.82 6.52
H21 EDO R . 11.56 -16.38 8.53
H22 EDO R . 11.22 -15.11 9.38
HO2 EDO R . 13.59 -16.32 9.39
NA NA S . 29.98 -15.61 19.26
#